data_4NEC
#
_entry.id   4NEC
#
_cell.length_a   58.187
_cell.length_b   146.880
_cell.length_c   58.187
_cell.angle_alpha   90.00
_cell.angle_beta   102.63
_cell.angle_gamma   90.00
#
_symmetry.space_group_name_H-M   'P 1 21 1'
#
loop_
_entity.id
_entity.type
_entity.pdbx_description
1 polymer 'Putative SAM-dependent methyltransferase'
2 polymer Echinomycin
3 non-polymer S-ADENOSYL-L-HOMOCYSTEINE
4 non-polymer 'TRIETHYLENE GLYCOL'
5 non-polymer 'SODIUM ION'
6 non-polymer 2-CARBOXYQUINOXALINE
7 non-polymer 'ACETATE ION'
8 non-polymer 'POLYETHYLENE GLYCOL (N=34)'
9 water water
#
loop_
_entity_poly.entity_id
_entity_poly.type
_entity_poly.pdbx_seq_one_letter_code
_entity_poly.pdbx_strand_id
1 'polypeptide(L)'
;MGSSHHHHHHSSGLVPRGSHMTEVFDAVYRGESPFGKRPPWDIGAPQPAYVALEKAGLIQGAVLDAGCGTGEDALHLAGL
GYAVTGLDLSPTAISVARDKADARGLGAVFEVADALDLTGWEERFDTVIDSGLAHTFEGDRLRAYATALHRACRPGAVAH
ILSISDRGSAEMQARLAEAIDEIPAPLPDDDESPTLKRSADHLRDGFAEGWTIESIDESLMRGVIPTTSELLDVHAWLGR
FRRDWNSSSVDKLAAALEHHHHHH
;
A,B,C,D
2 'polypeptide(L)' (DSN)A(N2C)(MVA)(DSN)A(NCY)(MVA) E,F,G,H
#
loop_
_chem_comp.id
_chem_comp.type
_chem_comp.name
_chem_comp.formula
15P non-polymer 'POLYETHYLENE GLYCOL (N=34)' 'C69 H140 O35'
ACT non-polymer 'ACETATE ION' 'C2 H3 O2 -1'
NA non-polymer 'SODIUM ION' 'Na 1'
PGE non-polymer 'TRIETHYLENE GLYCOL' 'C6 H14 O4'
QUI non-polymer 2-CARBOXYQUINOXALINE 'C9 H6 N2 O2'
#
# COMPACT_ATOMS: atom_id res chain seq x y z
N HIS A 20 0.34 -22.28 6.77
CA HIS A 20 0.60 -23.26 5.66
C HIS A 20 0.00 -22.78 4.36
N MET A 21 -1.31 -22.54 4.37
CA MET A 21 -2.02 -22.06 3.18
C MET A 21 -1.76 -20.58 2.94
N THR A 22 -1.39 -19.85 3.99
CA THR A 22 -0.98 -18.45 3.86
C THR A 22 0.16 -18.31 2.86
N GLU A 23 1.17 -19.17 2.99
CA GLU A 23 2.39 -19.08 2.18
C GLU A 23 2.12 -19.34 0.69
N VAL A 24 1.29 -20.33 0.38
CA VAL A 24 1.00 -20.70 -1.00
C VAL A 24 0.36 -19.52 -1.73
N PHE A 25 -0.71 -18.99 -1.16
CA PHE A 25 -1.41 -17.84 -1.77
C PHE A 25 -0.54 -16.60 -1.80
N ASP A 26 0.21 -16.34 -0.72
CA ASP A 26 1.09 -15.18 -0.68
C ASP A 26 2.11 -15.26 -1.82
N ALA A 27 2.68 -16.45 -2.02
CA ALA A 27 3.60 -16.70 -3.13
C ALA A 27 2.94 -16.43 -4.49
N VAL A 28 1.71 -16.91 -4.65
CA VAL A 28 0.95 -16.69 -5.87
C VAL A 28 0.77 -15.20 -6.14
N TYR A 29 0.42 -14.44 -5.10
CA TYR A 29 0.23 -12.99 -5.22
C TYR A 29 1.53 -12.23 -5.43
N ARG A 30 2.64 -12.75 -4.88
CA ARG A 30 3.97 -12.22 -5.16
C ARG A 30 4.42 -12.50 -6.62
N GLY A 31 3.78 -13.48 -7.25
CA GLY A 31 4.05 -13.82 -8.65
C GLY A 31 5.03 -14.96 -8.84
N GLU A 32 5.23 -15.75 -7.80
CA GLU A 32 6.27 -16.78 -7.75
C GLU A 32 5.77 -18.17 -8.18
N SER A 33 4.45 -18.29 -8.40
CA SER A 33 3.83 -19.54 -8.80
C SER A 33 3.85 -19.70 -10.33
N PRO A 34 3.42 -20.87 -10.84
CA PRO A 34 3.33 -21.09 -12.29
C PRO A 34 2.45 -20.09 -13.04
N PHE A 35 1.51 -19.44 -12.34
CA PHE A 35 0.63 -18.46 -12.96
C PHE A 35 1.34 -17.18 -13.39
N GLY A 36 2.52 -16.91 -12.85
CA GLY A 36 3.25 -15.68 -13.15
C GLY A 36 2.55 -14.49 -12.52
N LYS A 37 2.33 -13.44 -13.32
CA LYS A 37 1.74 -12.21 -12.81
C LYS A 37 0.23 -12.30 -12.60
N ARG A 38 -0.43 -13.26 -13.26
CA ARG A 38 -1.89 -13.31 -13.28
CA ARG A 38 -1.89 -13.32 -13.30
C ARG A 38 -2.45 -14.64 -12.79
N PRO A 39 -2.79 -14.71 -11.48
CA PRO A 39 -3.54 -15.88 -11.03
C PRO A 39 -4.90 -15.87 -11.74
N PRO A 40 -5.45 -17.05 -12.06
CA PRO A 40 -6.61 -17.08 -12.97
C PRO A 40 -7.91 -16.49 -12.40
N TRP A 41 -7.94 -16.22 -11.10
CA TRP A 41 -9.11 -15.58 -10.46
C TRP A 41 -8.96 -14.07 -10.34
N ASP A 42 -7.73 -13.57 -10.51
CA ASP A 42 -7.44 -12.14 -10.38
C ASP A 42 -7.72 -11.45 -11.70
N ILE A 43 -9.01 -11.23 -12.00
CA ILE A 43 -9.45 -10.82 -13.34
C ILE A 43 -9.43 -9.31 -13.63
N GLY A 44 -9.02 -8.48 -12.66
CA GLY A 44 -8.90 -7.03 -12.87
C GLY A 44 -10.24 -6.32 -13.01
N ALA A 45 -11.29 -6.97 -12.52
CA ALA A 45 -12.65 -6.44 -12.54
C ALA A 45 -13.45 -7.21 -11.49
N PRO A 46 -14.61 -6.65 -11.07
CA PRO A 46 -15.51 -7.43 -10.21
C PRO A 46 -16.11 -8.60 -10.99
N GLN A 47 -16.52 -9.64 -10.26
CA GLN A 47 -17.22 -10.78 -10.87
C GLN A 47 -18.58 -10.33 -11.40
N PRO A 48 -18.93 -10.70 -12.65
CA PRO A 48 -20.25 -10.35 -13.17
C PRO A 48 -21.41 -10.72 -12.23
N ALA A 49 -21.35 -11.90 -11.60
CA ALA A 49 -22.42 -12.33 -10.71
C ALA A 49 -22.63 -11.34 -9.56
N TYR A 50 -21.55 -10.77 -9.04
CA TYR A 50 -21.70 -9.83 -7.92
C TYR A 50 -22.13 -8.43 -8.37
N VAL A 51 -21.74 -8.05 -9.58
CA VAL A 51 -22.28 -6.83 -10.18
C VAL A 51 -23.79 -6.97 -10.32
N ALA A 52 -24.23 -8.12 -10.83
CA ALA A 52 -25.65 -8.40 -11.02
C ALA A 52 -26.40 -8.49 -9.69
N LEU A 53 -25.79 -9.13 -8.70
CA LEU A 53 -26.41 -9.26 -7.37
C LEU A 53 -26.63 -7.89 -6.76
N GLU A 54 -25.71 -6.97 -7.00
CA GLU A 54 -25.83 -5.60 -6.50
C GLU A 54 -27.00 -4.88 -7.19
N LYS A 55 -27.04 -4.98 -8.52
CA LYS A 55 -28.12 -4.32 -9.28
C LYS A 55 -29.48 -4.89 -8.89
N ALA A 56 -29.51 -6.20 -8.60
CA ALA A 56 -30.74 -6.88 -8.14
C ALA A 56 -31.24 -6.41 -6.76
N GLY A 57 -30.43 -5.63 -6.05
CA GLY A 57 -30.83 -5.07 -4.76
C GLY A 57 -30.58 -5.95 -3.56
N LEU A 58 -29.79 -7.00 -3.75
CA LEU A 58 -29.61 -8.02 -2.71
C LEU A 58 -28.35 -7.85 -1.83
N ILE A 59 -27.74 -6.65 -1.90
N ILE A 59 -27.74 -6.65 -1.88
CA ILE A 59 -26.63 -6.28 -1.02
CA ILE A 59 -26.62 -6.32 -1.01
C ILE A 59 -27.09 -5.13 -0.12
C ILE A 59 -27.02 -5.13 -0.12
N GLN A 60 -26.99 -5.33 1.19
CA GLN A 60 -27.36 -4.27 2.15
C GLN A 60 -26.44 -4.19 3.35
N GLY A 61 -26.41 -3.00 3.95
CA GLY A 61 -25.70 -2.76 5.20
C GLY A 61 -24.19 -2.86 5.08
N ALA A 62 -23.54 -3.26 6.17
CA ALA A 62 -22.10 -3.45 6.20
C ALA A 62 -21.75 -4.75 5.49
N VAL A 63 -20.91 -4.65 4.48
CA VAL A 63 -20.59 -5.77 3.60
C VAL A 63 -19.23 -6.35 3.94
N LEU A 64 -19.14 -7.68 4.00
CA LEU A 64 -17.87 -8.39 4.10
C LEU A 64 -17.62 -9.09 2.79
N ASP A 65 -16.44 -8.87 2.19
CA ASP A 65 -15.96 -9.70 1.11
C ASP A 65 -14.90 -10.62 1.71
N ALA A 66 -15.27 -11.88 1.87
CA ALA A 66 -14.45 -12.85 2.58
C ALA A 66 -13.53 -13.56 1.61
N GLY A 67 -12.22 -13.45 1.85
CA GLY A 67 -11.24 -13.94 0.91
C GLY A 67 -11.18 -13.01 -0.28
N CYS A 68 -11.11 -11.71 0.01
CA CYS A 68 -11.30 -10.66 -1.00
C CYS A 68 -10.19 -10.57 -2.03
N GLY A 69 -9.05 -11.20 -1.74
CA GLY A 69 -7.91 -11.11 -2.65
C GLY A 69 -7.48 -9.67 -2.84
N THR A 70 -7.27 -9.31 -4.09
CA THR A 70 -6.77 -7.97 -4.43
C THR A 70 -7.87 -6.88 -4.50
N GLY A 71 -9.10 -7.23 -4.11
CA GLY A 71 -10.12 -6.23 -3.76
C GLY A 71 -11.09 -5.74 -4.82
N GLU A 72 -11.11 -6.35 -5.99
CA GLU A 72 -11.93 -5.84 -7.10
C GLU A 72 -13.43 -5.85 -6.81
N ASP A 73 -13.94 -6.91 -6.20
CA ASP A 73 -15.37 -6.97 -5.84
C ASP A 73 -15.70 -5.91 -4.78
N ALA A 74 -14.86 -5.83 -3.74
CA ALA A 74 -15.06 -4.84 -2.68
C ALA A 74 -14.96 -3.41 -3.18
N LEU A 75 -14.01 -3.15 -4.09
CA LEU A 75 -13.82 -1.81 -4.67
C LEU A 75 -15.00 -1.39 -5.56
N HIS A 76 -15.53 -2.33 -6.34
CA HIS A 76 -16.74 -2.07 -7.11
C HIS A 76 -17.90 -1.60 -6.23
N LEU A 77 -18.10 -2.30 -5.12
CA LEU A 77 -19.15 -1.93 -4.18
C LEU A 77 -18.86 -0.62 -3.45
N ALA A 78 -17.60 -0.38 -3.10
CA ALA A 78 -17.21 0.89 -2.48
C ALA A 78 -17.58 2.06 -3.40
N GLY A 79 -17.34 1.91 -4.70
CA GLY A 79 -17.67 2.96 -5.66
C GLY A 79 -19.16 3.27 -5.81
N LEU A 80 -20.01 2.35 -5.35
CA LEU A 80 -21.47 2.55 -5.38
C LEU A 80 -22.04 3.02 -4.04
N GLY A 81 -21.17 3.27 -3.07
CA GLY A 81 -21.59 3.85 -1.81
C GLY A 81 -21.68 2.89 -0.64
N TYR A 82 -21.44 1.60 -0.89
CA TYR A 82 -21.52 0.61 0.17
C TYR A 82 -20.35 0.70 1.14
N ALA A 83 -20.61 0.44 2.42
CA ALA A 83 -19.55 0.28 3.42
C ALA A 83 -19.07 -1.17 3.38
N VAL A 84 -17.86 -1.37 2.86
CA VAL A 84 -17.36 -2.72 2.58
C VAL A 84 -16.04 -2.97 3.32
N THR A 85 -15.88 -4.22 3.75
CA THR A 85 -14.65 -4.71 4.35
C THR A 85 -14.22 -5.95 3.58
N GLY A 86 -12.99 -5.94 3.08
CA GLY A 86 -12.41 -7.13 2.46
C GLY A 86 -11.40 -7.75 3.40
N LEU A 87 -11.56 -9.05 3.65
CA LEU A 87 -10.66 -9.79 4.51
C LEU A 87 -9.99 -10.90 3.72
N ASP A 88 -8.72 -11.17 4.04
CA ASP A 88 -7.97 -12.20 3.33
C ASP A 88 -6.78 -12.67 4.17
N LEU A 89 -6.44 -13.95 4.02
CA LEU A 89 -5.34 -14.55 4.77
C LEU A 89 -3.97 -14.05 4.28
N SER A 90 -3.91 -13.61 3.03
CA SER A 90 -2.66 -13.20 2.39
C SER A 90 -2.36 -11.71 2.60
N PRO A 91 -1.29 -11.38 3.37
CA PRO A 91 -0.95 -9.97 3.51
C PRO A 91 -0.54 -9.31 2.19
N THR A 92 -0.01 -10.09 1.25
CA THR A 92 0.36 -9.54 -0.06
C THR A 92 -0.88 -9.08 -0.83
N ALA A 93 -1.93 -9.89 -0.84
CA ALA A 93 -3.19 -9.51 -1.50
C ALA A 93 -3.76 -8.22 -0.90
N ILE A 94 -3.79 -8.17 0.43
CA ILE A 94 -4.33 -7.01 1.14
C ILE A 94 -3.50 -5.76 0.87
N SER A 95 -2.18 -5.91 0.80
CA SER A 95 -1.29 -4.82 0.42
C SER A 95 -1.69 -4.28 -0.96
N VAL A 96 -1.95 -5.20 -1.90
CA VAL A 96 -2.35 -4.83 -3.25
C VAL A 96 -3.71 -4.12 -3.26
N ALA A 97 -4.67 -4.69 -2.54
CA ALA A 97 -6.01 -4.11 -2.48
C ALA A 97 -5.96 -2.68 -1.89
N ARG A 98 -5.17 -2.52 -0.83
CA ARG A 98 -4.99 -1.20 -0.21
C ARG A 98 -4.38 -0.19 -1.20
N ASP A 99 -3.39 -0.62 -1.98
CA ASP A 99 -2.82 0.23 -3.04
C ASP A 99 -3.87 0.62 -4.07
N LYS A 100 -4.73 -0.32 -4.48
CA LYS A 100 -5.81 -0.04 -5.43
C LYS A 100 -6.81 0.96 -4.87
N ALA A 101 -7.18 0.78 -3.59
CA ALA A 101 -8.06 1.71 -2.90
C ALA A 101 -7.48 3.12 -2.90
N ASP A 102 -6.19 3.24 -2.59
CA ASP A 102 -5.50 4.53 -2.60
C ASP A 102 -5.52 5.20 -3.98
N ALA A 103 -5.16 4.44 -5.01
CA ALA A 103 -5.14 4.95 -6.38
C ALA A 103 -6.52 5.38 -6.87
N ARG A 104 -7.54 4.58 -6.56
CA ARG A 104 -8.90 4.87 -6.99
C ARG A 104 -9.60 5.90 -6.10
N GLY A 105 -9.09 6.11 -4.88
CA GLY A 105 -9.69 7.07 -3.95
C GLY A 105 -10.99 6.55 -3.35
N LEU A 106 -11.00 5.27 -2.98
CA LEU A 106 -12.17 4.63 -2.38
C LEU A 106 -11.81 4.15 -0.98
N GLY A 107 -12.81 4.15 -0.09
CA GLY A 107 -12.58 3.90 1.34
C GLY A 107 -13.06 2.55 1.81
N ALA A 108 -12.69 1.50 1.10
CA ALA A 108 -12.95 0.13 1.54
C ALA A 108 -11.92 -0.27 2.60
N VAL A 109 -12.39 -1.00 3.61
CA VAL A 109 -11.52 -1.53 4.66
C VAL A 109 -10.93 -2.86 4.19
N PHE A 110 -9.60 -2.93 4.13
CA PHE A 110 -8.91 -4.17 3.81
C PHE A 110 -8.01 -4.56 4.97
N GLU A 111 -8.18 -5.79 5.47
CA GLU A 111 -7.35 -6.29 6.57
C GLU A 111 -7.09 -7.79 6.44
N VAL A 112 -5.97 -8.23 7.01
CA VAL A 112 -5.63 -9.65 7.05
C VAL A 112 -6.49 -10.35 8.11
N ALA A 113 -7.05 -11.49 7.74
CA ALA A 113 -7.83 -12.30 8.68
C ALA A 113 -7.96 -13.73 8.16
N ASP A 114 -8.01 -14.68 9.09
CA ASP A 114 -8.34 -16.07 8.77
C ASP A 114 -9.86 -16.25 8.83
N ALA A 115 -10.45 -16.56 7.69
CA ALA A 115 -11.90 -16.74 7.55
C ALA A 115 -12.44 -17.93 8.33
N LEU A 116 -11.56 -18.82 8.79
CA LEU A 116 -11.96 -19.91 9.67
C LEU A 116 -11.99 -19.48 11.14
N ASP A 117 -11.56 -18.25 11.40
CA ASP A 117 -11.44 -17.72 12.75
C ASP A 117 -12.32 -16.47 12.92
N LEU A 118 -11.92 -15.38 12.27
CA LEU A 118 -12.61 -14.08 12.35
C LEU A 118 -12.87 -13.56 13.77
N THR A 119 -11.97 -13.84 14.70
CA THR A 119 -12.00 -13.22 16.03
C THR A 119 -11.86 -11.71 15.90
N GLY A 120 -12.63 -10.97 16.70
CA GLY A 120 -12.61 -9.50 16.66
C GLY A 120 -13.63 -8.87 15.73
N TRP A 121 -14.25 -9.67 14.88
CA TRP A 121 -15.23 -9.18 13.91
C TRP A 121 -16.65 -9.62 14.25
N GLU A 122 -16.92 -9.81 15.54
CA GLU A 122 -18.17 -10.42 16.00
C GLU A 122 -19.39 -9.55 15.65
N GLU A 123 -20.38 -10.16 15.01
CA GLU A 123 -21.64 -9.47 14.66
C GLU A 123 -21.40 -8.09 14.05
N ARG A 124 -20.53 -8.06 13.05
CA ARG A 124 -20.17 -6.81 12.37
C ARG A 124 -20.89 -6.62 11.03
N PHE A 125 -21.27 -7.72 10.37
CA PHE A 125 -21.68 -7.65 8.95
C PHE A 125 -23.13 -8.01 8.69
N ASP A 126 -23.73 -7.28 7.75
CA ASP A 126 -25.13 -7.51 7.31
C ASP A 126 -25.21 -8.35 6.04
N THR A 127 -24.17 -8.26 5.20
CA THR A 127 -24.08 -9.08 4.01
C THR A 127 -22.67 -9.61 3.83
N VAL A 128 -22.56 -10.86 3.40
CA VAL A 128 -21.28 -11.44 2.99
C VAL A 128 -21.31 -11.74 1.49
N ILE A 129 -20.18 -11.49 0.83
CA ILE A 129 -19.97 -12.00 -0.51
C ILE A 129 -18.70 -12.84 -0.48
N ASP A 130 -18.70 -13.88 -1.31
CA ASP A 130 -17.64 -14.85 -1.38
C ASP A 130 -17.49 -15.22 -2.86
N SER A 131 -16.36 -14.86 -3.45
CA SER A 131 -16.00 -15.34 -4.76
C SER A 131 -14.76 -16.21 -4.63
N GLY A 132 -14.97 -17.51 -4.52
CA GLY A 132 -13.91 -18.49 -4.61
C GLY A 132 -13.07 -18.74 -3.37
N LEU A 133 -13.61 -18.39 -2.19
CA LEU A 133 -13.00 -18.79 -0.93
C LEU A 133 -13.61 -20.10 -0.46
N ALA A 134 -14.93 -20.15 -0.37
CA ALA A 134 -15.66 -21.35 0.09
C ALA A 134 -15.26 -22.61 -0.68
N HIS A 135 -15.07 -22.48 -1.99
CA HIS A 135 -14.73 -23.65 -2.80
C HIS A 135 -13.32 -24.21 -2.52
N THR A 136 -12.51 -23.49 -1.74
CA THR A 136 -11.23 -24.02 -1.27
C THR A 136 -11.40 -24.89 -0.02
N PHE A 137 -12.55 -24.76 0.64
CA PHE A 137 -12.82 -25.50 1.87
C PHE A 137 -13.63 -26.76 1.60
N GLU A 138 -13.29 -27.83 2.32
CA GLU A 138 -13.93 -29.12 2.14
C GLU A 138 -14.23 -29.77 3.49
N GLY A 139 -15.38 -30.44 3.58
CA GLY A 139 -15.75 -31.19 4.78
C GLY A 139 -15.96 -30.32 6.00
N ASP A 140 -15.17 -30.58 7.04
CA ASP A 140 -15.28 -29.85 8.31
C ASP A 140 -14.74 -28.43 8.24
N ARG A 141 -13.84 -28.17 7.28
CA ARG A 141 -13.28 -26.84 7.09
C ARG A 141 -14.32 -25.86 6.53
N LEU A 142 -15.18 -26.37 5.64
CA LEU A 142 -16.29 -25.59 5.12
C LEU A 142 -17.30 -25.25 6.22
N ARG A 143 -17.48 -26.16 7.17
CA ARG A 143 -18.36 -25.89 8.32
C ARG A 143 -17.74 -24.92 9.33
N ALA A 144 -16.42 -24.97 9.49
CA ALA A 144 -15.73 -23.99 10.34
C ALA A 144 -15.87 -22.58 9.75
N TYR A 145 -15.80 -22.50 8.42
CA TYR A 145 -16.00 -21.25 7.69
C TYR A 145 -17.43 -20.74 7.88
N ALA A 146 -18.40 -21.63 7.70
CA ALA A 146 -19.81 -21.30 7.93
C ALA A 146 -20.02 -20.73 9.33
N THR A 147 -19.43 -21.38 10.33
CA THR A 147 -19.54 -20.97 11.72
C THR A 147 -18.85 -19.63 11.97
N ALA A 148 -17.67 -19.44 11.40
CA ALA A 148 -16.93 -18.19 11.56
C ALA A 148 -17.74 -17.04 10.97
N LEU A 149 -18.30 -17.27 9.78
CA LEU A 149 -19.20 -16.31 9.15
C LEU A 149 -20.40 -16.02 10.03
N HIS A 150 -20.97 -17.06 10.65
CA HIS A 150 -22.11 -16.89 11.55
C HIS A 150 -21.75 -15.96 12.72
N ARG A 151 -20.57 -16.17 13.29
CA ARG A 151 -20.11 -15.35 14.42
C ARG A 151 -19.88 -13.90 14.00
N ALA A 152 -19.37 -13.70 12.79
CA ALA A 152 -19.02 -12.37 12.30
C ALA A 152 -20.21 -11.59 11.71
N CYS A 153 -21.33 -12.28 11.53
CA CYS A 153 -22.52 -11.68 10.94
C CYS A 153 -23.55 -11.24 12.00
N ARG A 154 -24.24 -10.14 11.69
CA ARG A 154 -25.37 -9.71 12.49
C ARG A 154 -26.52 -10.70 12.29
N PRO A 155 -27.42 -10.79 13.29
CA PRO A 155 -28.51 -11.74 13.12
C PRO A 155 -29.38 -11.36 11.92
N GLY A 156 -29.77 -12.36 11.11
CA GLY A 156 -30.54 -12.11 9.89
C GLY A 156 -29.74 -11.66 8.67
N ALA A 157 -28.40 -11.62 8.81
CA ALA A 157 -27.51 -11.27 7.70
C ALA A 157 -27.65 -12.28 6.56
N VAL A 158 -27.22 -11.88 5.36
CA VAL A 158 -27.25 -12.79 4.22
C VAL A 158 -25.85 -13.01 3.66
N ALA A 159 -25.51 -14.27 3.43
CA ALA A 159 -24.22 -14.62 2.85
C ALA A 159 -24.42 -15.17 1.45
N HIS A 160 -23.67 -14.61 0.51
CA HIS A 160 -23.67 -15.04 -0.87
C HIS A 160 -22.36 -15.72 -1.15
N ILE A 161 -22.44 -16.90 -1.77
CA ILE A 161 -21.27 -17.72 -2.04
C ILE A 161 -21.24 -18.16 -3.51
N LEU A 162 -20.21 -17.71 -4.23
CA LEU A 162 -20.00 -18.07 -5.61
C LEU A 162 -18.92 -19.15 -5.67
N SER A 163 -19.33 -20.36 -6.04
CA SER A 163 -18.48 -21.55 -5.94
C SER A 163 -18.45 -22.23 -7.30
N ILE A 164 -17.27 -22.67 -7.72
CA ILE A 164 -17.13 -23.32 -9.01
C ILE A 164 -17.73 -24.72 -8.88
N SER A 165 -18.50 -25.13 -9.89
CA SER A 165 -19.07 -26.47 -9.93
C SER A 165 -18.05 -27.44 -10.51
N ASP A 166 -18.37 -28.74 -10.48
CA ASP A 166 -17.52 -29.73 -11.15
C ASP A 166 -17.47 -29.47 -12.66
N ARG A 167 -18.61 -29.07 -13.23
CA ARG A 167 -18.70 -28.68 -14.63
C ARG A 167 -17.79 -27.48 -14.95
N GLY A 168 -17.79 -26.48 -14.08
CA GLY A 168 -16.93 -25.31 -14.27
C GLY A 168 -15.46 -25.60 -14.06
N SER A 169 -15.15 -26.40 -13.05
CA SER A 169 -13.77 -26.73 -12.71
C SER A 169 -13.17 -27.61 -13.80
N ALA A 170 -13.97 -28.51 -14.36
CA ALA A 170 -13.53 -29.35 -15.47
C ALA A 170 -13.11 -28.50 -16.69
N GLU A 171 -13.86 -27.43 -16.94
CA GLU A 171 -13.54 -26.52 -18.05
C GLU A 171 -12.32 -25.65 -17.74
N MET A 172 -12.28 -25.09 -16.53
CA MET A 172 -11.14 -24.26 -16.12
C MET A 172 -9.86 -25.09 -16.10
N GLN A 173 -9.96 -26.33 -15.60
CA GLN A 173 -8.80 -27.21 -15.47
C GLN A 173 -8.21 -27.55 -16.82
N ALA A 174 -9.07 -27.92 -17.77
CA ALA A 174 -8.64 -28.23 -19.13
C ALA A 174 -7.93 -27.04 -19.78
N ARG A 175 -8.52 -25.85 -19.62
CA ARG A 175 -7.97 -24.64 -20.22
C ARG A 175 -6.65 -24.22 -19.57
N LEU A 176 -6.57 -24.32 -18.24
CA LEU A 176 -5.32 -24.03 -17.52
C LEU A 176 -4.24 -25.08 -17.80
N ALA A 177 -4.64 -26.34 -17.90
CA ALA A 177 -3.71 -27.43 -18.19
C ALA A 177 -3.07 -27.26 -19.56
N GLU A 178 -3.85 -26.84 -20.55
CA GLU A 178 -3.30 -26.61 -21.89
C GLU A 178 -2.32 -25.43 -21.89
N ALA A 179 -2.52 -24.48 -20.97
CA ALA A 179 -1.72 -23.27 -20.89
C ALA A 179 -0.49 -23.36 -19.98
N ILE A 180 -0.54 -24.23 -18.96
CA ILE A 180 0.52 -24.26 -17.94
C ILE A 180 1.07 -25.66 -17.74
N ASP A 181 2.39 -25.80 -17.89
CA ASP A 181 3.06 -27.10 -17.85
C ASP A 181 2.86 -27.84 -16.52
N GLU A 182 2.93 -27.10 -15.42
CA GLU A 182 2.83 -27.69 -14.08
C GLU A 182 1.42 -28.21 -13.76
N ILE A 183 0.40 -27.65 -14.43
CA ILE A 183 -0.99 -28.01 -14.15
C ILE A 183 -1.41 -29.23 -14.97
N PRO A 184 -2.00 -30.24 -14.32
CA PRO A 184 -2.43 -31.45 -15.02
C PRO A 184 -3.80 -31.29 -15.69
N ALA A 185 -4.02 -32.06 -16.76
CA ALA A 185 -5.33 -32.11 -17.41
C ALA A 185 -6.33 -32.80 -16.48
N PRO A 186 -7.63 -32.45 -16.60
CA PRO A 186 -8.65 -33.07 -15.74
C PRO A 186 -8.94 -34.53 -16.11
N LEU A 187 -9.40 -35.30 -15.13
CA LEU A 187 -9.73 -36.72 -15.32
C LEU A 187 -11.04 -36.88 -16.08
N PRO A 188 -11.30 -38.08 -16.63
CA PRO A 188 -12.60 -38.39 -17.23
C PRO A 188 -13.60 -38.91 -16.19
N ASP A 189 -14.81 -39.22 -16.65
CA ASP A 189 -15.88 -39.79 -15.81
C ASP A 189 -16.44 -38.79 -14.79
N ASP A 190 -17.66 -39.06 -14.33
CA ASP A 190 -18.34 -38.17 -13.37
C ASP A 190 -17.80 -38.34 -11.95
N ASP A 191 -17.85 -39.56 -11.44
CA ASP A 191 -17.43 -39.86 -10.07
C ASP A 191 -15.91 -39.80 -9.92
N PRO A 194 -14.40 -38.31 -4.13
CA PRO A 194 -15.55 -37.88 -3.33
C PRO A 194 -15.35 -36.50 -2.68
N THR A 195 -14.23 -36.32 -2.00
CA THR A 195 -13.92 -35.05 -1.33
C THR A 195 -13.59 -33.92 -2.32
N LEU A 196 -13.08 -34.28 -3.49
CA LEU A 196 -12.76 -33.31 -4.54
C LEU A 196 -13.99 -32.77 -5.26
N LYS A 197 -15.14 -33.40 -5.05
CA LYS A 197 -16.40 -33.00 -5.68
C LYS A 197 -16.86 -31.61 -5.21
N ARG A 198 -17.59 -30.92 -6.09
CA ARG A 198 -18.14 -29.60 -5.82
C ARG A 198 -19.54 -29.49 -6.43
N SER A 199 -20.47 -30.25 -5.86
CA SER A 199 -21.86 -30.24 -6.29
C SER A 199 -22.62 -29.16 -5.51
N ALA A 200 -23.92 -29.07 -5.74
CA ALA A 200 -24.78 -28.20 -4.93
C ALA A 200 -24.88 -28.73 -3.50
N ASP A 201 -24.77 -30.05 -3.34
CA ASP A 201 -24.95 -30.70 -2.03
C ASP A 201 -23.85 -30.39 -1.01
N HIS A 202 -22.61 -30.28 -1.46
CA HIS A 202 -21.50 -30.01 -0.53
C HIS A 202 -21.64 -28.60 0.06
N LEU A 203 -22.12 -27.67 -0.76
CA LEU A 203 -22.36 -26.30 -0.35
C LEU A 203 -23.54 -26.24 0.63
N ARG A 204 -24.61 -26.97 0.31
CA ARG A 204 -25.75 -27.11 1.21
C ARG A 204 -25.35 -27.66 2.57
N ASP A 205 -24.53 -28.72 2.55
CA ASP A 205 -24.05 -29.35 3.77
C ASP A 205 -23.15 -28.43 4.61
N GLY A 206 -22.37 -27.58 3.93
CA GLY A 206 -21.49 -26.64 4.62
C GLY A 206 -22.25 -25.67 5.53
N PHE A 207 -23.27 -25.03 4.97
CA PHE A 207 -24.06 -24.03 5.70
C PHE A 207 -25.31 -24.66 6.31
N ALA A 208 -25.10 -25.50 7.32
CA ALA A 208 -26.23 -26.16 8.00
C ALA A 208 -26.58 -25.43 9.29
N GLU A 209 -25.75 -25.60 10.32
CA GLU A 209 -26.05 -25.09 11.65
C GLU A 209 -25.95 -23.56 11.66
N GLY A 210 -27.03 -22.90 12.07
CA GLY A 210 -27.08 -21.44 12.13
C GLY A 210 -27.52 -20.73 10.84
N TRP A 211 -27.79 -21.50 9.79
CA TRP A 211 -28.14 -20.95 8.48
C TRP A 211 -29.37 -21.59 7.89
N THR A 212 -29.98 -20.89 6.93
CA THR A 212 -31.06 -21.44 6.12
C THR A 212 -30.79 -21.15 4.64
N ILE A 213 -30.92 -22.18 3.82
CA ILE A 213 -30.69 -22.03 2.38
C ILE A 213 -31.88 -21.29 1.79
N GLU A 214 -31.65 -20.07 1.31
CA GLU A 214 -32.68 -19.33 0.58
C GLU A 214 -32.73 -19.81 -0.87
N SER A 215 -31.56 -19.95 -1.50
CA SER A 215 -31.49 -20.45 -2.87
C SER A 215 -30.08 -20.88 -3.24
N ILE A 216 -29.99 -21.87 -4.13
CA ILE A 216 -28.75 -22.17 -4.85
C ILE A 216 -29.09 -22.09 -6.33
N ASP A 217 -28.37 -21.23 -7.04
CA ASP A 217 -28.65 -20.96 -8.45
C ASP A 217 -27.46 -21.35 -9.32
N GLU A 218 -27.76 -21.64 -10.59
CA GLU A 218 -26.73 -21.77 -11.59
C GLU A 218 -26.22 -20.37 -11.92
N SER A 219 -24.90 -20.22 -11.96
CA SER A 219 -24.29 -18.93 -12.23
C SER A 219 -23.00 -19.13 -13.02
N LEU A 220 -22.21 -18.07 -13.13
CA LEU A 220 -20.92 -18.13 -13.80
C LEU A 220 -19.82 -17.51 -12.93
N MET A 221 -18.59 -17.96 -13.19
CA MET A 221 -17.39 -17.42 -12.54
C MET A 221 -16.41 -17.04 -13.64
N ARG A 222 -15.98 -15.79 -13.64
CA ARG A 222 -15.05 -15.32 -14.64
C ARG A 222 -13.63 -15.60 -14.17
N GLY A 223 -12.81 -16.14 -15.07
CA GLY A 223 -11.40 -16.34 -14.83
C GLY A 223 -10.61 -15.85 -16.03
N VAL A 224 -9.29 -15.80 -15.85
CA VAL A 224 -8.38 -15.36 -16.91
C VAL A 224 -7.29 -16.40 -17.13
N ILE A 225 -6.90 -16.59 -18.39
CA ILE A 225 -5.84 -17.52 -18.78
C ILE A 225 -4.52 -16.74 -18.81
N PRO A 226 -3.55 -17.12 -17.96
CA PRO A 226 -2.28 -16.39 -17.89
C PRO A 226 -1.55 -16.19 -19.24
N THR A 227 -1.64 -17.18 -20.13
CA THR A 227 -0.90 -17.13 -21.40
C THR A 227 -1.36 -16.01 -22.32
N THR A 228 -2.64 -16.03 -22.69
CA THR A 228 -3.21 -15.06 -23.62
C THR A 228 -3.90 -13.90 -22.92
N SER A 229 -4.09 -14.03 -21.60
CA SER A 229 -4.96 -13.14 -20.85
C SER A 229 -6.37 -13.18 -21.41
N GLU A 230 -6.75 -14.33 -21.97
CA GLU A 230 -8.12 -14.58 -22.39
C GLU A 230 -8.99 -14.64 -21.15
N LEU A 231 -10.15 -14.00 -21.23
CA LEU A 231 -11.15 -14.11 -20.17
C LEU A 231 -12.15 -15.19 -20.54
N LEU A 232 -12.44 -16.09 -19.61
CA LEU A 232 -13.54 -17.04 -19.83
C LEU A 232 -14.48 -17.07 -18.65
N ASP A 233 -15.72 -17.41 -18.93
CA ASP A 233 -16.71 -17.64 -17.90
C ASP A 233 -16.99 -19.13 -17.90
N VAL A 234 -16.99 -19.71 -16.70
CA VAL A 234 -17.30 -21.12 -16.51
C VAL A 234 -18.47 -21.26 -15.53
N HIS A 235 -19.09 -22.42 -15.55
CA HIS A 235 -20.23 -22.71 -14.69
C HIS A 235 -19.84 -22.59 -13.20
N ALA A 236 -20.77 -22.08 -12.40
CA ALA A 236 -20.58 -21.99 -10.96
C ALA A 236 -21.94 -22.00 -10.27
N TRP A 237 -21.94 -22.28 -8.96
CA TRP A 237 -23.14 -22.21 -8.13
C TRP A 237 -23.12 -20.90 -7.35
N LEU A 238 -24.26 -20.23 -7.29
CA LEU A 238 -24.41 -19.05 -6.46
C LEU A 238 -25.39 -19.37 -5.33
N GLY A 239 -24.85 -19.55 -4.14
CA GLY A 239 -25.66 -19.84 -2.95
C GLY A 239 -26.03 -18.55 -2.24
N ARG A 240 -27.18 -18.58 -1.60
CA ARG A 240 -27.68 -17.47 -0.79
C ARG A 240 -28.20 -18.08 0.51
N PHE A 241 -27.58 -17.71 1.63
CA PHE A 241 -27.89 -18.30 2.93
C PHE A 241 -28.28 -17.24 3.95
N ARG A 242 -29.32 -17.52 4.72
CA ARG A 242 -29.84 -16.61 5.74
C ARG A 242 -29.30 -17.01 7.11
N ARG A 243 -28.55 -16.09 7.70
CA ARG A 243 -28.01 -16.27 9.05
C ARG A 243 -29.18 -16.14 10.02
N ASP A 244 -29.26 -17.06 10.99
CA ASP A 244 -30.36 -17.05 11.96
C ASP A 244 -30.27 -15.86 12.91
N TRP A 245 -31.20 -15.78 13.87
CA TRP A 245 -31.24 -14.64 14.78
C TRP A 245 -30.78 -15.04 16.20
N ASN A 246 -29.85 -15.98 16.28
CA ASN A 246 -29.25 -16.38 17.55
C ASN A 246 -28.18 -15.37 17.97
N SER A 247 -28.59 -14.43 18.81
CA SER A 247 -27.72 -13.35 19.28
C SER A 247 -28.19 -12.92 20.67
N SER A 248 -27.25 -12.54 21.52
CA SER A 248 -27.59 -12.04 22.85
C SER A 248 -28.40 -10.74 22.77
N SER A 249 -28.09 -9.91 21.77
CA SER A 249 -28.86 -8.68 21.54
C SER A 249 -30.32 -9.00 21.22
N VAL A 250 -30.53 -10.05 20.42
CA VAL A 250 -31.88 -10.49 20.05
C VAL A 250 -32.58 -11.10 21.27
N ASP A 251 -31.88 -11.98 21.98
CA ASP A 251 -32.40 -12.56 23.22
C ASP A 251 -32.87 -11.47 24.18
N LYS A 252 -32.10 -10.40 24.29
CA LYS A 252 -32.43 -9.28 25.18
C LYS A 252 -33.66 -8.48 24.73
N LEU A 253 -33.81 -8.28 23.42
CA LEU A 253 -35.02 -7.66 22.88
C LEU A 253 -36.25 -8.50 23.25
N ALA A 254 -36.14 -9.81 23.00
CA ALA A 254 -37.22 -10.75 23.28
C ALA A 254 -37.61 -10.76 24.76
N ALA A 255 -36.60 -10.66 25.62
CA ALA A 255 -36.82 -10.59 27.07
C ALA A 255 -37.56 -9.32 27.46
N ALA A 256 -37.17 -8.20 26.85
CA ALA A 256 -37.80 -6.91 27.12
C ALA A 256 -39.30 -6.93 26.83
N LEU A 257 -39.66 -7.58 25.72
CA LEU A 257 -41.07 -7.68 25.29
C LEU A 257 -41.83 -8.71 26.12
N GLU A 258 -41.16 -9.79 26.49
CA GLU A 258 -41.75 -10.85 27.29
C GLU A 258 -42.02 -10.39 28.72
N HIS A 259 -41.00 -9.81 29.36
CA HIS A 259 -41.16 -9.24 30.70
C HIS A 259 -41.88 -7.90 30.62
N DSN B 1 -5.17 -27.25 -9.09
CA DSN B 1 -5.84 -26.32 -9.99
C DSN B 1 -6.54 -25.24 -9.24
O DSN B 1 -6.16 -24.97 -8.12
CB DSN B 1 -4.84 -25.65 -10.93
OG DSN B 1 -4.13 -24.62 -10.23
N ALA B 2 -7.50 -24.58 -9.87
CA ALA B 2 -8.14 -23.42 -9.31
C ALA B 2 -9.59 -23.70 -8.95
N N2C B 3 -10.03 -23.73 -7.67
CA N2C B 3 -9.15 -23.75 -6.48
CB N2C B 3 -9.10 -22.32 -5.90
SG N2C B 3 -9.18 -21.05 -7.13
CD N2C B 3 -9.08 -19.48 -6.34
CN N2C B 3 -11.47 -23.75 -7.41
C N2C B 3 -9.66 -24.71 -5.42
O N2C B 3 -10.12 -24.26 -4.39
N MVA B 4 -9.60 -26.04 -5.60
CN MVA B 4 -8.93 -26.69 -6.73
CA MVA B 4 -10.27 -26.86 -4.57
CB MVA B 4 -10.99 -28.06 -5.18
CG1 MVA B 4 -11.73 -28.85 -4.10
CG2 MVA B 4 -11.95 -27.64 -6.30
C MVA B 4 -9.30 -27.30 -3.50
O MVA B 4 -9.30 -26.75 -2.41
N DSN B 5 -6.16 -29.03 -5.04
CA DSN B 5 -5.98 -28.31 -3.80
C DSN B 5 -5.90 -26.85 -4.12
O DSN B 5 -6.10 -26.49 -5.26
CB DSN B 5 -7.19 -28.56 -2.93
OG DSN B 5 -8.36 -28.38 -3.73
N ALA B 6 -5.69 -26.00 -3.11
CA ALA B 6 -5.85 -24.55 -3.27
C ALA B 6 -4.54 -23.84 -3.53
N NCY B 7 -4.41 -22.97 -4.56
CA NCY B 7 -5.17 -23.09 -5.81
CB NCY B 7 -6.20 -21.95 -5.94
SG NCY B 7 -7.63 -22.11 -4.91
CN NCY B 7 -3.45 -21.87 -4.46
C NCY B 7 -4.25 -23.02 -7.01
O NCY B 7 -4.43 -22.12 -7.83
N MVA B 8 -3.30 -23.96 -7.21
CN MVA B 8 -3.00 -25.07 -6.31
CA MVA B 8 -2.50 -23.84 -8.45
CB MVA B 8 -0.99 -23.86 -8.15
CG1 MVA B 8 -0.19 -23.89 -9.45
CG2 MVA B 8 -0.58 -22.66 -7.30
C MVA B 8 -2.95 -24.91 -9.42
O MVA B 8 -2.36 -25.97 -9.54
N HIS C 20 38.65 -0.99 15.92
CA HIS C 20 38.77 -1.27 14.46
C HIS C 20 37.73 -0.50 13.66
N MET C 21 36.47 -0.64 14.04
CA MET C 21 35.34 -0.04 13.32
C MET C 21 34.62 1.04 14.13
N THR C 22 35.17 1.40 15.29
CA THR C 22 34.51 2.33 16.19
C THR C 22 34.19 3.64 15.49
N GLU C 23 35.24 4.28 14.96
CA GLU C 23 35.10 5.58 14.32
C GLU C 23 34.32 5.51 13.01
N VAL C 24 34.44 4.38 12.31
CA VAL C 24 33.73 4.19 11.04
C VAL C 24 32.22 4.32 11.27
N PHE C 25 31.72 3.58 12.25
CA PHE C 25 30.31 3.69 12.64
C PHE C 25 30.02 4.98 13.41
N ASP C 26 30.91 5.39 14.31
CA ASP C 26 30.59 6.56 15.13
C ASP C 26 30.46 7.81 14.27
N ALA C 27 31.30 7.91 13.24
CA ALA C 27 31.17 9.00 12.27
C ALA C 27 29.77 9.04 11.67
N VAL C 28 29.25 7.88 11.27
CA VAL C 28 27.89 7.79 10.73
C VAL C 28 26.86 8.33 11.74
N TYR C 29 26.93 7.84 12.99
CA TYR C 29 25.97 8.26 14.02
C TYR C 29 26.07 9.76 14.36
N ARG C 30 27.27 10.32 14.26
CA ARG C 30 27.46 11.77 14.46
C ARG C 30 26.87 12.62 13.32
N GLY C 31 26.54 12.00 12.19
CA GLY C 31 25.93 12.70 11.06
C GLY C 31 26.94 13.09 9.98
N GLU C 32 28.17 12.60 10.11
CA GLU C 32 29.28 13.08 9.28
C GLU C 32 29.47 12.30 7.96
N SER C 33 28.55 11.39 7.66
CA SER C 33 28.63 10.56 6.46
C SER C 33 27.62 11.04 5.39
N PRO C 34 27.65 10.44 4.18
CA PRO C 34 26.65 10.68 3.14
C PRO C 34 25.19 10.50 3.56
N PHE C 35 24.95 9.72 4.62
CA PHE C 35 23.59 9.51 5.12
C PHE C 35 23.04 10.73 5.84
N GLY C 36 23.91 11.57 6.38
CA GLY C 36 23.47 12.68 7.21
C GLY C 36 22.83 12.20 8.50
N LYS C 37 21.63 12.69 8.78
CA LYS C 37 20.97 12.43 10.05
C LYS C 37 20.20 11.10 10.07
N ARG C 38 20.18 10.38 8.96
CA ARG C 38 19.39 9.15 8.83
CA ARG C 38 19.40 9.14 8.84
C ARG C 38 20.23 7.98 8.29
N PRO C 39 20.97 7.30 9.17
CA PRO C 39 21.57 6.04 8.71
C PRO C 39 20.45 5.10 8.25
N PRO C 40 20.67 4.32 7.17
CA PRO C 40 19.53 3.57 6.60
C PRO C 40 19.01 2.40 7.44
N TRP C 41 19.66 2.10 8.54
CA TRP C 41 19.15 1.14 9.52
C TRP C 41 18.49 1.79 10.73
N ASP C 42 18.65 3.10 10.87
CA ASP C 42 18.14 3.80 12.04
C ASP C 42 16.68 4.20 11.79
N ILE C 43 15.78 3.24 12.00
CA ILE C 43 14.40 3.34 11.52
C ILE C 43 13.41 3.86 12.56
N GLY C 44 13.89 4.18 13.76
CA GLY C 44 13.04 4.84 14.77
C GLY C 44 11.91 3.99 15.33
N ALA C 45 12.10 2.68 15.29
CA ALA C 45 11.11 1.71 15.72
C ALA C 45 11.82 0.36 15.74
N PRO C 46 11.31 -0.61 16.51
CA PRO C 46 11.91 -1.93 16.47
C PRO C 46 11.70 -2.61 15.11
N GLN C 47 12.56 -3.55 14.78
CA GLN C 47 12.40 -4.38 13.59
C GLN C 47 11.15 -5.24 13.74
N PRO C 48 10.28 -5.29 12.72
CA PRO C 48 9.10 -6.17 12.81
C PRO C 48 9.44 -7.63 13.12
N ALA C 49 10.54 -8.15 12.59
CA ALA C 49 10.95 -9.52 12.90
C ALA C 49 11.06 -9.75 14.39
N TYR C 50 11.52 -8.74 15.14
CA TYR C 50 11.73 -8.89 16.58
C TYR C 50 10.46 -8.62 17.39
N VAL C 51 9.62 -7.73 16.89
CA VAL C 51 8.29 -7.58 17.45
C VAL C 51 7.57 -8.92 17.38
N ALA C 52 7.62 -9.56 16.22
CA ALA C 52 6.96 -10.85 16.00
C ALA C 52 7.57 -12.00 16.82
N LEU C 53 8.88 -11.96 17.02
CA LEU C 53 9.56 -13.00 17.79
C LEU C 53 9.17 -12.87 19.26
N GLU C 54 9.02 -11.64 19.73
CA GLU C 54 8.58 -11.38 21.10
C GLU C 54 7.16 -11.90 21.30
N LYS C 55 6.28 -11.61 20.34
CA LYS C 55 4.87 -12.04 20.40
C LYS C 55 4.71 -13.55 20.33
N ALA C 56 5.65 -14.22 19.68
CA ALA C 56 5.66 -15.69 19.60
C ALA C 56 6.08 -16.34 20.92
N GLY C 57 6.59 -15.57 21.86
CA GLY C 57 7.08 -16.08 23.14
C GLY C 57 8.50 -16.62 23.08
N LEU C 58 9.30 -16.10 22.15
CA LEU C 58 10.63 -16.64 21.85
C LEU C 58 11.78 -15.81 22.43
N ILE C 59 11.45 -14.69 23.07
CA ILE C 59 12.42 -13.90 23.82
C ILE C 59 12.15 -14.10 25.30
N GLN C 60 13.20 -14.38 26.08
CA GLN C 60 13.05 -14.59 27.51
C GLN C 60 14.34 -14.43 28.30
N GLY C 61 14.20 -14.23 29.60
CA GLY C 61 15.34 -14.09 30.50
C GLY C 61 16.06 -12.79 30.30
N ALA C 62 17.35 -12.76 30.65
CA ALA C 62 18.17 -11.58 30.47
C ALA C 62 18.51 -11.46 28.98
N VAL C 63 18.16 -10.31 28.38
CA VAL C 63 18.26 -10.14 26.92
C VAL C 63 19.45 -9.27 26.54
N LEU C 64 20.25 -9.73 25.58
CA LEU C 64 21.33 -8.94 24.99
C LEU C 64 20.92 -8.54 23.59
N ASP C 65 20.99 -7.24 23.32
CA ASP C 65 20.88 -6.70 21.97
C ASP C 65 22.30 -6.35 21.56
N ALA C 66 22.91 -7.23 20.76
CA ALA C 66 24.29 -7.06 20.34
C ALA C 66 24.37 -6.17 19.11
N GLY C 67 25.19 -5.12 19.21
CA GLY C 67 25.24 -4.10 18.16
C GLY C 67 23.93 -3.32 18.14
N CYS C 68 23.52 -2.87 19.31
CA CYS C 68 22.17 -2.33 19.53
C CYS C 68 21.88 -0.98 18.87
N GLY C 69 22.92 -0.31 18.39
CA GLY C 69 22.74 0.99 17.77
C GLY C 69 22.05 1.94 18.73
N THR C 70 21.12 2.73 18.21
CA THR C 70 20.44 3.76 18.99
C THR C 70 19.30 3.21 19.86
N GLY C 71 19.13 1.88 19.88
CA GLY C 71 18.40 1.22 20.96
C GLY C 71 16.94 0.89 20.75
N GLU C 72 16.39 1.05 19.54
CA GLU C 72 14.94 0.88 19.37
C GLU C 72 14.46 -0.54 19.67
N ASP C 73 15.17 -1.55 19.16
CA ASP C 73 14.80 -2.93 19.48
C ASP C 73 14.80 -3.15 20.99
N ALA C 74 15.90 -2.75 21.65
CA ALA C 74 16.02 -2.91 23.10
C ALA C 74 14.92 -2.21 23.86
N LEU C 75 14.58 -0.99 23.42
CA LEU C 75 13.59 -0.19 24.14
C LEU C 75 12.17 -0.71 23.96
N HIS C 76 11.92 -1.37 22.82
CA HIS C 76 10.63 -2.03 22.62
C HIS C 76 10.48 -3.13 23.66
N LEU C 77 11.51 -3.98 23.78
CA LEU C 77 11.49 -5.07 24.75
C LEU C 77 11.45 -4.53 26.19
N ALA C 78 12.24 -3.50 26.48
CA ALA C 78 12.20 -2.89 27.81
C ALA C 78 10.79 -2.40 28.16
N GLY C 79 10.11 -1.79 27.19
CA GLY C 79 8.76 -1.27 27.40
C GLY C 79 7.73 -2.33 27.72
N LEU C 80 8.00 -3.57 27.29
CA LEU C 80 7.15 -4.72 27.63
C LEU C 80 7.54 -5.40 28.96
N GLY C 81 8.64 -4.93 29.58
CA GLY C 81 9.06 -5.42 30.88
C GLY C 81 10.32 -6.27 30.90
N TYR C 82 10.92 -6.51 29.73
CA TYR C 82 12.10 -7.36 29.65
C TYR C 82 13.30 -6.66 30.27
N ALA C 83 14.19 -7.47 30.85
CA ALA C 83 15.47 -6.98 31.33
C ALA C 83 16.44 -7.02 30.15
N VAL C 84 16.73 -5.85 29.58
CA VAL C 84 17.50 -5.75 28.33
C VAL C 84 18.79 -4.95 28.50
N THR C 85 19.85 -5.45 27.86
CA THR C 85 21.15 -4.79 27.78
C THR C 85 21.50 -4.61 26.30
N GLY C 86 21.79 -3.37 25.90
CA GLY C 86 22.25 -3.08 24.55
C GLY C 86 23.73 -2.74 24.61
N LEU C 87 24.53 -3.44 23.80
CA LEU C 87 25.94 -3.15 23.65
C LEU C 87 26.24 -2.74 22.22
N ASP C 88 27.06 -1.72 22.07
CA ASP C 88 27.46 -1.25 20.75
C ASP C 88 28.85 -0.64 20.85
N LEU C 89 29.57 -0.71 19.74
CA LEU C 89 30.92 -0.15 19.64
C LEU C 89 30.90 1.38 19.66
N SER C 90 29.81 1.99 19.18
CA SER C 90 29.76 3.44 18.99
C SER C 90 29.27 4.18 20.24
N PRO C 91 30.14 5.02 20.85
CA PRO C 91 29.71 5.84 21.99
C PRO C 91 28.57 6.79 21.64
N THR C 92 28.59 7.35 20.43
CA THR C 92 27.51 8.24 20.00
C THR C 92 26.17 7.50 19.94
N ALA C 93 26.14 6.30 19.36
CA ALA C 93 24.90 5.52 19.31
C ALA C 93 24.38 5.18 20.71
N ILE C 94 25.30 4.75 21.57
CA ILE C 94 24.97 4.40 22.94
C ILE C 94 24.44 5.63 23.67
N SER C 95 25.06 6.79 23.42
CA SER C 95 24.56 8.04 23.98
C SER C 95 23.10 8.29 23.57
N VAL C 96 22.80 8.05 22.30
CA VAL C 96 21.44 8.24 21.79
C VAL C 96 20.48 7.22 22.43
N ALA C 97 20.89 5.98 22.52
CA ALA C 97 20.08 4.94 23.17
C ALA C 97 19.72 5.33 24.60
N ARG C 98 20.71 5.79 25.35
CA ARG C 98 20.50 6.27 26.71
C ARG C 98 19.56 7.48 26.73
N ASP C 99 19.70 8.38 25.75
CA ASP C 99 18.79 9.52 25.58
C ASP C 99 17.34 9.06 25.53
N LYS C 100 17.10 8.09 24.65
CA LYS C 100 15.74 7.58 24.44
C LYS C 100 15.23 6.87 25.68
N ALA C 101 16.09 6.08 26.33
CA ALA C 101 15.70 5.37 27.54
C ALA C 101 15.21 6.33 28.63
N ASP C 102 15.99 7.37 28.92
CA ASP C 102 15.60 8.32 29.97
C ASP C 102 14.32 9.06 29.59
N ALA C 103 14.24 9.50 28.33
CA ALA C 103 13.06 10.23 27.87
C ALA C 103 11.80 9.38 27.97
N ARG C 104 11.90 8.12 27.59
CA ARG C 104 10.77 7.19 27.60
C ARG C 104 10.47 6.60 28.98
N GLY C 105 11.40 6.76 29.92
CA GLY C 105 11.22 6.26 31.27
C GLY C 105 11.45 4.77 31.40
N LEU C 106 12.24 4.21 30.48
CA LEU C 106 12.50 2.77 30.44
C LEU C 106 13.88 2.43 31.01
N GLY C 107 13.98 1.28 31.68
CA GLY C 107 15.19 0.88 32.38
C GLY C 107 16.16 0.01 31.60
N ALA C 108 16.14 0.10 30.27
CA ALA C 108 17.11 -0.62 29.43
C ALA C 108 18.52 -0.12 29.71
N VAL C 109 19.47 -1.06 29.78
CA VAL C 109 20.86 -0.76 30.05
C VAL C 109 21.62 -0.71 28.72
N PHE C 110 22.45 0.30 28.55
CA PHE C 110 23.25 0.46 27.34
C PHE C 110 24.71 0.75 27.68
N GLU C 111 25.63 -0.06 27.14
CA GLU C 111 27.05 0.16 27.37
C GLU C 111 27.84 0.04 26.06
N VAL C 112 28.97 0.73 26.01
CA VAL C 112 29.90 0.61 24.91
C VAL C 112 30.70 -0.68 25.11
N ALA C 113 30.80 -1.48 24.05
CA ALA C 113 31.52 -2.75 24.11
C ALA C 113 31.79 -3.29 22.71
N ASP C 114 32.80 -4.14 22.62
CA ASP C 114 33.14 -4.84 21.39
C ASP C 114 32.55 -6.25 21.45
N ALA C 115 31.65 -6.55 20.52
CA ALA C 115 30.97 -7.85 20.47
C ALA C 115 31.89 -9.00 20.08
N LEU C 116 33.07 -8.68 19.56
CA LEU C 116 34.09 -9.69 19.27
C LEU C 116 34.87 -10.14 20.52
N ASP C 117 34.66 -9.45 21.65
CA ASP C 117 35.34 -9.77 22.90
C ASP C 117 34.34 -10.17 23.99
N LEU C 118 33.64 -9.18 24.56
CA LEU C 118 32.64 -9.41 25.63
C LEU C 118 33.19 -10.09 26.89
N THR C 119 34.47 -9.88 27.19
CA THR C 119 35.02 -10.28 28.49
C THR C 119 34.43 -9.34 29.54
N GLY C 120 33.98 -9.90 30.64
CA GLY C 120 33.26 -9.16 31.68
C GLY C 120 31.75 -9.36 31.63
N TRP C 121 31.28 -10.08 30.62
CA TRP C 121 29.87 -10.35 30.42
C TRP C 121 29.56 -11.85 30.44
N GLU C 122 30.43 -12.63 31.07
CA GLU C 122 30.34 -14.09 31.02
C GLU C 122 29.05 -14.62 31.61
N GLU C 123 28.38 -15.49 30.85
CA GLU C 123 27.15 -16.17 31.28
C GLU C 123 26.13 -15.23 31.92
N ARG C 124 25.83 -14.14 31.23
CA ARG C 124 24.88 -13.13 31.71
C ARG C 124 23.51 -13.27 31.04
N PHE C 125 23.48 -13.77 29.80
CA PHE C 125 22.30 -13.59 28.95
C PHE C 125 21.64 -14.90 28.58
N ASP C 126 20.31 -14.86 28.50
CA ASP C 126 19.49 -16.00 28.14
C ASP C 126 19.02 -15.93 26.70
N THR C 127 18.87 -14.72 26.17
CA THR C 127 18.52 -14.54 24.77
C THR C 127 19.37 -13.40 24.20
N VAL C 128 19.86 -13.61 22.98
CA VAL C 128 20.53 -12.58 22.21
C VAL C 128 19.67 -12.24 21.00
N ILE C 129 19.52 -10.94 20.74
CA ILE C 129 19.00 -10.48 19.48
C ILE C 129 20.07 -9.66 18.76
N ASP C 130 20.02 -9.69 17.44
CA ASP C 130 20.99 -9.03 16.59
C ASP C 130 20.25 -8.59 15.36
N SER C 131 20.21 -7.28 15.13
CA SER C 131 19.67 -6.73 13.90
C SER C 131 20.79 -6.01 13.18
N GLY C 132 21.44 -6.72 12.28
CA GLY C 132 22.40 -6.11 11.37
C GLY C 132 23.79 -5.89 11.91
N LEU C 133 24.15 -6.58 12.99
CA LEU C 133 25.56 -6.65 13.41
C LEU C 133 26.24 -7.81 12.70
N ALA C 134 25.70 -9.01 12.89
CA ALA C 134 26.24 -10.23 12.28
C ALA C 134 26.56 -10.04 10.80
N HIS C 135 25.69 -9.34 10.07
CA HIS C 135 25.87 -9.23 8.62
C HIS C 135 27.05 -8.35 8.18
N THR C 136 27.67 -7.63 9.12
CA THR C 136 28.90 -6.87 8.85
C THR C 136 30.14 -7.76 8.90
N PHE C 137 30.03 -8.90 9.59
CA PHE C 137 31.16 -9.79 9.78
C PHE C 137 31.22 -10.85 8.69
N GLU C 138 32.43 -11.35 8.44
CA GLU C 138 32.67 -12.45 7.52
C GLU C 138 33.38 -13.58 8.26
N GLY C 139 33.36 -14.77 7.65
CA GLY C 139 34.03 -15.97 8.15
C GLY C 139 34.58 -15.93 9.57
N ASP C 140 35.88 -15.62 9.70
CA ASP C 140 36.55 -15.74 11.00
C ASP C 140 36.03 -14.73 12.04
N ARG C 141 35.72 -13.52 11.60
CA ARG C 141 35.17 -12.49 12.51
C ARG C 141 33.77 -12.88 12.98
N LEU C 142 32.96 -13.45 12.08
CA LEU C 142 31.65 -13.96 12.44
C LEU C 142 31.75 -15.11 13.45
N ARG C 143 32.71 -16.01 13.25
CA ARG C 143 32.98 -17.08 14.21
C ARG C 143 33.49 -16.52 15.54
N ALA C 144 34.29 -15.46 15.49
CA ALA C 144 34.74 -14.76 16.70
C ALA C 144 33.57 -14.13 17.47
N TYR C 145 32.67 -13.47 16.73
CA TYR C 145 31.44 -12.92 17.28
C TYR C 145 30.58 -14.03 17.91
N ALA C 146 30.46 -15.15 17.20
CA ALA C 146 29.71 -16.31 17.68
C ALA C 146 30.31 -16.87 18.97
N THR C 147 31.64 -16.89 19.05
CA THR C 147 32.34 -17.36 20.25
C THR C 147 32.18 -16.40 21.44
N ALA C 148 32.25 -15.10 21.18
CA ALA C 148 32.04 -14.10 22.23
C ALA C 148 30.62 -14.16 22.80
N LEU C 149 29.64 -14.35 21.93
CA LEU C 149 28.25 -14.55 22.38
C LEU C 149 28.14 -15.82 23.21
N HIS C 150 28.89 -16.85 22.83
CA HIS C 150 28.92 -18.10 23.60
C HIS C 150 29.40 -17.87 25.03
N ARG C 151 30.51 -17.13 25.18
CA ARG C 151 31.05 -16.78 26.51
C ARG C 151 30.04 -15.96 27.33
N ALA C 152 29.32 -15.08 26.64
CA ALA C 152 28.40 -14.15 27.30
C ALA C 152 27.03 -14.74 27.61
N CYS C 153 26.72 -15.90 27.04
CA CYS C 153 25.42 -16.54 27.23
C CYS C 153 25.44 -17.65 28.26
N ARG C 154 24.35 -17.78 29.00
CA ARG C 154 24.14 -18.90 29.91
C ARG C 154 23.91 -20.16 29.09
N PRO C 155 24.13 -21.33 29.69
CA PRO C 155 23.96 -22.56 28.91
C PRO C 155 22.51 -22.70 28.42
N GLY C 156 22.34 -23.09 27.15
CA GLY C 156 21.02 -23.30 26.56
C GLY C 156 20.35 -22.03 26.07
N ALA C 157 21.09 -20.93 26.06
CA ALA C 157 20.55 -19.67 25.56
C ALA C 157 20.23 -19.78 24.07
N VAL C 158 19.37 -18.88 23.61
CA VAL C 158 18.98 -18.83 22.20
C VAL C 158 19.45 -17.50 21.64
N ALA C 159 20.19 -17.55 20.53
CA ALA C 159 20.62 -16.35 19.82
C ALA C 159 19.79 -16.21 18.56
N HIS C 160 19.16 -15.04 18.40
CA HIS C 160 18.42 -14.69 17.19
C HIS C 160 19.24 -13.68 16.40
N ILE C 161 19.42 -13.96 15.11
CA ILE C 161 20.30 -13.19 14.24
C ILE C 161 19.56 -12.83 12.95
N LEU C 162 19.33 -11.54 12.74
CA LEU C 162 18.65 -11.05 11.55
C LEU C 162 19.71 -10.40 10.67
N SER C 163 19.99 -11.06 9.55
CA SER C 163 21.00 -10.60 8.62
C SER C 163 20.37 -10.37 7.27
N ILE C 164 20.91 -9.40 6.55
CA ILE C 164 20.47 -9.11 5.22
C ILE C 164 20.99 -10.24 4.36
N SER C 165 20.27 -10.55 3.29
CA SER C 165 20.66 -11.59 2.36
C SER C 165 21.29 -10.97 1.13
N ASP C 166 21.78 -11.80 0.23
CA ASP C 166 22.28 -11.32 -1.05
C ASP C 166 21.17 -10.54 -1.76
N ARG C 167 19.97 -11.12 -1.79
CA ARG C 167 18.82 -10.49 -2.47
C ARG C 167 18.44 -9.17 -1.81
N GLY C 168 18.37 -9.16 -0.48
CA GLY C 168 18.04 -7.94 0.25
C GLY C 168 19.09 -6.88 0.06
N SER C 169 20.36 -7.28 0.10
CA SER C 169 21.48 -6.38 -0.09
C SER C 169 21.48 -5.77 -1.50
N ALA C 170 21.09 -6.58 -2.49
CA ALA C 170 20.97 -6.10 -3.87
C ALA C 170 19.95 -4.97 -3.99
N GLU C 171 18.81 -5.11 -3.33
CA GLU C 171 17.78 -4.07 -3.35
C GLU C 171 18.20 -2.82 -2.60
N MET C 172 18.69 -2.99 -1.38
CA MET C 172 19.10 -1.85 -0.56
C MET C 172 20.22 -1.07 -1.22
N GLN C 173 21.19 -1.78 -1.79
CA GLN C 173 22.30 -1.11 -2.48
C GLN C 173 21.81 -0.27 -3.66
N ALA C 174 20.89 -0.83 -4.44
CA ALA C 174 20.35 -0.13 -5.62
C ALA C 174 19.57 1.10 -5.20
N ARG C 175 18.70 0.96 -4.22
CA ARG C 175 17.90 2.09 -3.74
C ARG C 175 18.77 3.21 -3.16
N LEU C 176 19.76 2.84 -2.36
CA LEU C 176 20.68 3.83 -1.78
C LEU C 176 21.58 4.44 -2.87
N ALA C 177 21.88 3.67 -3.92
CA ALA C 177 22.66 4.19 -5.04
C ALA C 177 21.89 5.25 -5.82
N GLU C 178 20.59 5.02 -6.01
CA GLU C 178 19.71 6.01 -6.65
C GLU C 178 19.64 7.29 -5.81
N ALA C 179 19.48 7.13 -4.50
CA ALA C 179 19.23 8.26 -3.61
C ALA C 179 20.46 9.14 -3.38
N ILE C 180 21.64 8.52 -3.28
CA ILE C 180 22.85 9.21 -2.82
C ILE C 180 24.01 9.00 -3.79
N ASP C 181 24.58 10.10 -4.27
CA ASP C 181 25.61 10.08 -5.32
C ASP C 181 26.85 9.27 -4.93
N GLU C 182 27.33 9.45 -3.70
CA GLU C 182 28.60 8.84 -3.26
C GLU C 182 28.53 7.31 -3.14
N ILE C 183 27.32 6.75 -3.04
CA ILE C 183 27.13 5.31 -2.89
C ILE C 183 27.11 4.65 -4.28
N PRO C 184 27.96 3.62 -4.50
CA PRO C 184 27.96 2.94 -5.79
C PRO C 184 26.82 1.92 -5.97
N ALA C 185 26.48 1.63 -7.21
CA ALA C 185 25.42 0.68 -7.55
C ALA C 185 25.89 -0.75 -7.30
N PRO C 186 24.94 -1.71 -7.19
CA PRO C 186 25.34 -3.11 -6.97
C PRO C 186 25.98 -3.75 -8.20
N LEU C 187 26.68 -4.87 -8.00
CA LEU C 187 27.38 -5.55 -9.08
C LEU C 187 26.47 -6.57 -9.77
N PRO C 188 26.59 -6.70 -11.10
CA PRO C 188 25.83 -7.70 -11.86
C PRO C 188 26.49 -9.09 -11.89
N ASP C 189 27.80 -9.15 -11.67
CA ASP C 189 28.57 -10.40 -11.80
C ASP C 189 28.27 -11.39 -10.68
N ASP C 190 28.31 -12.68 -11.02
CA ASP C 190 28.05 -13.77 -10.08
C ASP C 190 29.34 -14.53 -9.79
N ASP C 191 29.48 -15.02 -8.55
CA ASP C 191 30.70 -15.68 -8.07
C ASP C 191 31.90 -14.72 -8.14
N GLU C 192 31.72 -13.54 -7.56
CA GLU C 192 32.67 -12.43 -7.69
C GLU C 192 33.47 -12.20 -6.40
N SER C 193 32.76 -11.96 -5.30
CA SER C 193 33.37 -11.57 -4.03
C SER C 193 32.91 -12.44 -2.85
N PRO C 194 33.65 -13.54 -2.56
CA PRO C 194 33.29 -14.45 -1.45
C PRO C 194 33.12 -13.78 -0.08
N THR C 195 33.87 -12.72 0.20
CA THR C 195 33.80 -12.05 1.49
C THR C 195 32.53 -11.21 1.66
N LEU C 196 31.86 -10.88 0.56
CA LEU C 196 30.64 -10.09 0.61
C LEU C 196 29.37 -10.94 0.42
N LYS C 197 29.51 -12.25 0.31
CA LYS C 197 28.37 -13.15 0.12
C LYS C 197 27.61 -13.32 1.42
N ARG C 198 26.28 -13.26 1.35
CA ARG C 198 25.42 -13.40 2.51
C ARG C 198 24.31 -14.40 2.24
N SER C 199 24.72 -15.63 1.88
CA SER C 199 23.79 -16.74 1.70
C SER C 199 23.43 -17.33 3.07
N ALA C 200 22.44 -18.21 3.10
CA ALA C 200 22.01 -18.87 4.32
C ALA C 200 23.12 -19.71 4.96
N ASP C 201 24.00 -20.27 4.13
CA ASP C 201 25.10 -21.12 4.62
C ASP C 201 26.16 -20.33 5.38
N HIS C 202 26.40 -19.09 4.97
CA HIS C 202 27.43 -18.26 5.59
C HIS C 202 27.11 -17.89 7.04
N LEU C 203 25.82 -17.78 7.37
CA LEU C 203 25.41 -17.64 8.76
C LEU C 203 25.54 -18.98 9.50
N ARG C 204 25.14 -20.06 8.82
CA ARG C 204 25.33 -21.42 9.35
C ARG C 204 26.80 -21.71 9.68
N ASP C 205 27.70 -21.21 8.85
CA ASP C 205 29.14 -21.40 9.05
C ASP C 205 29.66 -20.65 10.27
N GLY C 206 29.10 -19.47 10.52
CA GLY C 206 29.51 -18.65 11.65
C GLY C 206 29.24 -19.24 13.02
N PHE C 207 28.14 -19.97 13.15
CA PHE C 207 27.70 -20.49 14.44
C PHE C 207 27.87 -22.01 14.47
N ALA C 208 29.12 -22.44 14.31
CA ALA C 208 29.46 -23.86 14.26
C ALA C 208 29.76 -24.39 15.66
N GLU C 209 30.92 -24.04 16.21
CA GLU C 209 31.36 -24.59 17.50
C GLU C 209 30.67 -23.88 18.66
N GLY C 210 30.10 -24.67 19.57
CA GLY C 210 29.40 -24.14 20.73
C GLY C 210 27.93 -23.87 20.48
N TRP C 211 27.50 -23.98 19.23
CA TRP C 211 26.14 -23.67 18.84
C TRP C 211 25.54 -24.78 17.99
N THR C 212 24.23 -24.94 18.09
CA THR C 212 23.45 -25.80 17.21
C THR C 212 22.46 -24.94 16.46
N ILE C 213 22.38 -25.13 15.15
CA ILE C 213 21.50 -24.34 14.30
C ILE C 213 20.10 -24.95 14.35
N GLU C 214 19.13 -24.21 14.90
CA GLU C 214 17.76 -24.70 14.98
C GLU C 214 16.98 -24.43 13.70
N SER C 215 17.16 -23.24 13.13
CA SER C 215 16.51 -22.88 11.88
C SER C 215 17.13 -21.61 11.30
N ILE C 216 17.15 -21.54 9.96
CA ILE C 216 17.44 -20.29 9.24
C ILE C 216 16.26 -20.08 8.30
N ASP C 217 15.47 -19.05 8.58
CA ASP C 217 14.24 -18.76 7.83
C ASP C 217 14.43 -17.54 6.94
N GLU C 218 13.63 -17.48 5.88
CA GLU C 218 13.51 -16.26 5.09
C GLU C 218 12.74 -15.27 5.93
N SER C 219 13.21 -14.03 5.97
CA SER C 219 12.57 -12.99 6.75
C SER C 219 12.69 -11.66 6.02
N LEU C 220 12.47 -10.56 6.75
CA LEU C 220 12.63 -9.24 6.19
C LEU C 220 13.37 -8.39 7.18
N MET C 221 14.08 -7.40 6.66
CA MET C 221 14.75 -6.40 7.48
C MET C 221 14.29 -5.03 6.98
N ARG C 222 13.82 -4.20 7.90
CA ARG C 222 13.34 -2.87 7.57
C ARG C 222 14.50 -1.88 7.60
N GLY C 223 14.52 -0.99 6.62
CA GLY C 223 15.48 0.09 6.56
C GLY C 223 14.78 1.34 6.07
N VAL C 224 15.55 2.41 5.95
CA VAL C 224 15.02 3.71 5.61
C VAL C 224 15.91 4.41 4.59
N ILE C 225 15.27 5.07 3.62
CA ILE C 225 15.97 5.84 2.61
C ILE C 225 16.34 7.18 3.25
N PRO C 226 17.64 7.52 3.30
CA PRO C 226 18.04 8.72 4.02
C PRO C 226 17.51 10.07 3.51
N THR C 227 17.13 10.14 2.23
CA THR C 227 16.72 11.39 1.58
C THR C 227 15.24 11.71 1.74
N THR C 228 14.43 10.67 1.86
CA THR C 228 12.97 10.79 1.96
C THR C 228 12.42 10.27 3.29
N SER C 229 13.25 9.54 4.03
CA SER C 229 12.80 8.74 5.16
C SER C 229 11.70 7.74 4.77
N GLU C 230 11.70 7.28 3.51
CA GLU C 230 10.81 6.21 3.09
C GLU C 230 11.26 4.93 3.76
N LEU C 231 10.33 4.22 4.39
CA LEU C 231 10.63 2.90 4.97
C LEU C 231 10.57 1.84 3.88
N LEU C 232 11.46 0.85 3.99
CA LEU C 232 11.57 -0.20 3.00
C LEU C 232 11.92 -1.50 3.69
N ASP C 233 11.22 -2.57 3.32
CA ASP C 233 11.52 -3.90 3.83
C ASP C 233 12.25 -4.66 2.74
N VAL C 234 13.43 -5.18 3.07
CA VAL C 234 14.24 -5.96 2.12
C VAL C 234 14.44 -7.37 2.64
N HIS C 235 14.75 -8.29 1.73
CA HIS C 235 14.89 -9.69 2.08
C HIS C 235 16.02 -9.90 3.08
N ALA C 236 15.82 -10.82 4.01
CA ALA C 236 16.80 -11.11 5.05
C ALA C 236 16.71 -12.56 5.49
N TRP C 237 17.74 -13.02 6.20
CA TRP C 237 17.73 -14.31 6.87
C TRP C 237 17.46 -14.06 8.35
N LEU C 238 16.59 -14.88 8.95
CA LEU C 238 16.43 -14.91 10.40
C LEU C 238 16.92 -16.23 10.95
N GLY C 239 18.04 -16.19 11.66
CA GLY C 239 18.66 -17.38 12.25
C GLY C 239 18.28 -17.56 13.71
N ARG C 240 18.15 -18.83 14.11
CA ARG C 240 17.86 -19.20 15.49
C ARG C 240 18.87 -20.26 15.91
N PHE C 241 19.74 -19.91 16.85
CA PHE C 241 20.85 -20.76 17.24
C PHE C 241 20.81 -21.07 18.73
N ARG C 242 21.04 -22.35 19.05
CA ARG C 242 21.01 -22.82 20.42
C ARG C 242 22.41 -22.90 21.00
N ARG C 243 22.64 -22.18 22.08
CA ARG C 243 23.90 -22.22 22.81
C ARG C 243 23.96 -23.54 23.58
N ASP C 244 25.06 -24.28 23.42
CA ASP C 244 25.20 -25.58 24.08
C ASP C 244 25.30 -25.42 25.60
N TRP C 245 25.44 -26.53 26.32
CA TRP C 245 25.44 -26.50 27.77
C TRP C 245 26.83 -26.69 28.36
N ASN C 246 27.84 -26.20 27.64
CA ASN C 246 29.23 -26.31 28.06
C ASN C 246 29.50 -25.18 29.05
N SER C 247 29.44 -25.51 30.33
CA SER C 247 29.50 -24.54 31.41
C SER C 247 29.83 -25.23 32.73
N SER C 248 30.62 -24.56 33.57
CA SER C 248 30.97 -25.04 34.90
C SER C 248 29.72 -25.28 35.75
N SER C 249 28.72 -24.39 35.63
CA SER C 249 27.46 -24.54 36.37
C SER C 249 26.75 -25.86 36.04
N VAL C 250 26.81 -26.26 34.77
CA VAL C 250 26.20 -27.52 34.32
C VAL C 250 27.10 -28.68 34.73
N ASP C 251 28.41 -28.53 34.56
CA ASP C 251 29.38 -29.54 34.99
C ASP C 251 29.17 -29.90 36.46
N LYS C 252 28.90 -28.88 37.28
CA LYS C 252 28.64 -29.09 38.71
C LYS C 252 27.30 -29.79 38.97
N LEU C 253 26.31 -29.55 38.13
CA LEU C 253 25.04 -30.30 38.19
C LEU C 253 25.27 -31.77 37.84
N ALA C 254 25.98 -32.03 36.74
CA ALA C 254 26.23 -33.42 36.31
C ALA C 254 27.03 -34.21 37.35
N ALA C 255 28.01 -33.55 37.96
CA ALA C 255 28.84 -34.17 39.00
C ALA C 255 28.01 -34.56 40.22
N ALA C 256 27.03 -33.72 40.57
CA ALA C 256 26.11 -34.03 41.65
C ALA C 256 25.33 -35.31 41.36
N LEU C 257 24.85 -35.46 40.12
CA LEU C 257 24.05 -36.63 39.74
C LEU C 257 24.88 -37.90 39.52
N GLU C 258 26.20 -37.76 39.40
CA GLU C 258 27.10 -38.91 39.32
C GLU C 258 27.28 -39.60 40.69
N HIS C 259 26.86 -38.92 41.75
CA HIS C 259 26.83 -39.48 43.11
C HIS C 259 28.18 -39.98 43.57
N HIS C 260 29.16 -39.08 43.58
CA HIS C 260 30.49 -39.42 44.09
C HIS C 260 30.40 -39.65 45.59
N HIS C 261 30.81 -40.83 46.02
CA HIS C 261 30.70 -41.24 47.42
C HIS C 261 31.85 -40.67 48.26
N HIS C 262 31.59 -40.51 49.54
CA HIS C 262 32.62 -40.05 50.47
C HIS C 262 33.36 -41.23 51.08
N HIS C 263 34.69 -41.12 51.13
CA HIS C 263 35.57 -42.15 51.71
C HIS C 263 35.44 -43.48 50.98
N DSN D 1 28.21 0.14 1.32
CA DSN D 1 26.77 0.19 1.46
C DSN D 1 26.35 -0.30 2.80
O DSN D 1 27.19 -0.35 3.69
CB DSN D 1 26.25 1.61 1.28
OG DSN D 1 26.56 2.40 2.42
N ALA D 2 25.06 -0.60 2.95
CA ALA D 2 24.50 -0.89 4.25
C ALA D 2 24.05 -2.34 4.34
N N2C D 3 24.74 -3.28 5.02
CA N2C D 3 26.05 -3.03 5.65
CB N2C D 3 25.83 -2.75 7.16
SG N2C D 3 24.31 -1.88 7.51
CD N2C D 3 24.26 -1.78 9.28
CN N2C D 3 24.21 -4.62 5.17
C N2C D 3 26.99 -4.21 5.49
O N2C D 3 27.41 -4.78 6.47
N MVA D 4 27.31 -4.64 4.25
CN MVA D 4 27.16 -3.83 3.04
CA MVA D 4 27.90 -5.99 4.15
CB MVA D 4 27.51 -6.70 2.84
CG1 MVA D 4 28.26 -8.02 2.65
CG2 MVA D 4 26.00 -6.94 2.77
C MVA D 4 29.40 -5.87 4.28
O MVA D 4 29.99 -6.50 5.14
N DSN D 5 31.45 -3.02 1.74
CA DSN D 5 31.74 -3.26 3.15
C DSN D 5 30.85 -2.48 4.06
O DSN D 5 29.78 -2.05 3.62
CB DSN D 5 31.51 -4.73 3.47
OG DSN D 5 30.11 -4.98 3.38
N ALA D 6 31.24 -2.41 5.33
CA ALA D 6 30.35 -2.04 6.42
C ALA D 6 30.60 -0.66 6.98
N NCY D 7 29.64 0.29 7.14
CA NCY D 7 28.35 0.24 6.43
CB NCY D 7 27.23 -0.18 7.40
SG NCY D 7 27.23 -1.89 7.83
CN NCY D 7 29.86 1.44 8.01
C NCY D 7 28.02 1.58 5.79
O NCY D 7 27.06 2.23 6.21
N MVA D 8 28.77 2.04 4.78
CN MVA D 8 30.01 1.42 4.32
CA MVA D 8 28.28 3.24 4.08
CB MVA D 8 29.34 4.35 4.19
CG1 MVA D 8 28.81 5.67 3.62
CG2 MVA D 8 29.80 4.53 5.63
C MVA D 8 27.89 2.93 2.67
O MVA D 8 28.63 3.12 1.72
N MET E 21 -19.60 20.67 12.91
CA MET E 21 -18.18 21.16 12.93
C MET E 21 -17.64 21.50 11.53
N THR E 22 -18.16 20.85 10.49
CA THR E 22 -17.74 21.15 9.13
C THR E 22 -18.13 22.58 8.76
N GLU E 23 -19.40 22.90 8.94
CA GLU E 23 -19.92 24.24 8.63
C GLU E 23 -19.30 25.33 9.51
N VAL E 24 -18.98 24.98 10.76
CA VAL E 24 -18.36 25.93 11.69
C VAL E 24 -16.95 26.31 11.23
N PHE E 25 -16.12 25.31 10.97
CA PHE E 25 -14.74 25.56 10.53
C PHE E 25 -14.65 26.09 9.10
N ASP E 26 -15.51 25.59 8.20
CA ASP E 26 -15.48 26.05 6.81
C ASP E 26 -15.80 27.54 6.73
N ALA E 27 -16.81 27.98 7.49
CA ALA E 27 -17.15 29.40 7.56
C ALA E 27 -15.96 30.26 8.01
N VAL E 28 -15.21 29.75 9.00
CA VAL E 28 -13.98 30.41 9.45
C VAL E 28 -12.97 30.54 8.29
N TYR E 29 -12.79 29.47 7.53
CA TYR E 29 -11.85 29.48 6.40
C TYR E 29 -12.36 30.31 5.21
N ARG E 30 -13.67 30.41 5.04
CA ARG E 30 -14.25 31.27 4.00
C ARG E 30 -14.27 32.75 4.41
N GLY E 31 -13.81 33.05 5.61
CA GLY E 31 -13.74 34.44 6.09
C GLY E 31 -15.07 34.95 6.62
N GLU E 32 -15.94 34.03 7.02
CA GLU E 32 -17.27 34.37 7.52
C GLU E 32 -17.33 34.12 9.03
N SER E 33 -16.43 34.79 9.75
CA SER E 33 -16.39 34.70 11.20
C SER E 33 -15.73 35.95 11.77
N PRO E 34 -15.80 36.15 13.11
CA PRO E 34 -15.18 37.32 13.74
C PRO E 34 -13.68 37.49 13.48
N PHE E 35 -12.99 36.40 13.10
CA PHE E 35 -11.56 36.49 12.75
C PHE E 35 -11.32 37.23 11.43
N GLY E 36 -12.21 37.01 10.46
CA GLY E 36 -12.04 37.58 9.12
C GLY E 36 -11.10 36.71 8.31
N LYS E 37 -10.16 37.35 7.61
CA LYS E 37 -9.28 36.63 6.68
C LYS E 37 -8.25 35.72 7.39
N ARG E 38 -7.92 36.03 8.65
CA ARG E 38 -6.89 35.29 9.39
C ARG E 38 -7.42 34.54 10.62
N PRO E 39 -7.76 33.26 10.46
CA PRO E 39 -7.91 32.45 11.69
C PRO E 39 -6.59 32.51 12.47
N PRO E 40 -6.67 32.50 13.81
CA PRO E 40 -5.46 32.69 14.63
C PRO E 40 -4.39 31.59 14.50
N TRP E 41 -4.78 30.41 14.01
CA TRP E 41 -3.83 29.32 13.78
C TRP E 41 -3.27 29.32 12.36
N ASP E 42 -3.90 30.07 11.46
CA ASP E 42 -3.49 30.11 10.05
C ASP E 42 -2.31 31.07 9.88
N ILE E 43 -1.15 30.64 10.36
CA ILE E 43 0.03 31.52 10.48
C ILE E 43 0.87 31.69 9.20
N GLY E 44 0.50 31.05 8.10
CA GLY E 44 1.22 31.22 6.83
C GLY E 44 2.65 30.67 6.88
N ALA E 45 2.86 29.68 7.72
CA ALA E 45 4.17 29.04 7.89
C ALA E 45 3.97 27.80 8.76
N PRO E 46 4.92 26.85 8.71
CA PRO E 46 4.78 25.71 9.61
C PRO E 46 5.02 26.10 11.06
N GLN E 47 4.47 25.32 11.99
CA GLN E 47 4.76 25.50 13.41
C GLN E 47 6.23 25.21 13.66
N PRO E 48 6.92 26.09 14.42
CA PRO E 48 8.32 25.86 14.78
C PRO E 48 8.56 24.50 15.44
N ALA E 49 7.60 24.04 16.26
CA ALA E 49 7.73 22.75 16.92
C ALA E 49 7.92 21.60 15.93
N TYR E 50 7.18 21.63 14.82
CA TYR E 50 7.30 20.57 13.81
C TYR E 50 8.50 20.75 12.91
N VAL E 51 8.89 22.00 12.66
CA VAL E 51 10.16 22.24 11.98
C VAL E 51 11.30 21.63 12.79
N ALA E 52 11.27 21.85 14.09
CA ALA E 52 12.29 21.30 14.99
C ALA E 52 12.21 19.77 15.06
N LEU E 53 11.00 19.23 15.14
CA LEU E 53 10.77 17.78 15.18
C LEU E 53 11.39 17.10 13.98
N GLU E 54 11.15 17.65 12.79
CA GLU E 54 11.75 17.11 11.56
C GLU E 54 13.28 17.19 11.58
N LYS E 55 13.82 18.29 12.08
CA LYS E 55 15.28 18.43 12.16
C LYS E 55 15.89 17.48 13.19
N ALA E 56 15.10 17.09 14.20
CA ALA E 56 15.53 16.09 15.18
C ALA E 56 15.48 14.65 14.65
N GLY E 57 14.92 14.45 13.46
CA GLY E 57 14.88 13.13 12.82
C GLY E 57 13.70 12.26 13.21
N LEU E 58 12.64 12.88 13.72
CA LEU E 58 11.52 12.14 14.31
C LEU E 58 10.32 11.98 13.37
N ILE E 59 10.43 12.51 12.15
CA ILE E 59 9.43 12.28 11.09
C ILE E 59 9.97 11.16 10.22
N GLN E 60 9.16 10.10 10.08
CA GLN E 60 9.57 8.89 9.37
C GLN E 60 8.44 8.40 8.46
N GLY E 61 8.79 7.90 7.28
CA GLY E 61 7.83 7.21 6.42
C GLY E 61 6.68 8.06 5.92
N ALA E 62 5.51 7.41 5.78
CA ALA E 62 4.29 8.06 5.31
C ALA E 62 3.70 8.91 6.41
N VAL E 63 3.57 10.20 6.13
CA VAL E 63 3.14 11.19 7.10
C VAL E 63 1.66 11.56 6.92
N LEU E 64 0.93 11.57 8.04
CA LEU E 64 -0.42 12.13 8.08
C LEU E 64 -0.40 13.42 8.88
N ASP E 65 -0.94 14.49 8.31
CA ASP E 65 -1.20 15.71 9.06
C ASP E 65 -2.69 15.71 9.32
N ALA E 66 -3.07 15.37 10.55
CA ALA E 66 -4.46 15.24 10.94
C ALA E 66 -5.02 16.61 11.34
N GLY E 67 -6.08 17.05 10.67
CA GLY E 67 -6.60 18.40 10.86
C GLY E 67 -5.59 19.38 10.32
N CYS E 68 -5.19 19.18 9.07
CA CYS E 68 -4.06 19.90 8.47
C CYS E 68 -4.33 21.36 8.12
N GLY E 69 -5.57 21.82 8.23
CA GLY E 69 -5.91 23.18 7.85
C GLY E 69 -5.46 23.51 6.43
N THR E 70 -4.90 24.71 6.25
CA THR E 70 -4.45 25.14 4.92
C THR E 70 -3.09 24.55 4.51
N GLY E 71 -2.54 23.67 5.35
CA GLY E 71 -1.48 22.76 4.89
C GLY E 71 -0.02 23.22 5.01
N GLU E 72 0.24 24.28 5.77
CA GLU E 72 1.63 24.78 5.88
C GLU E 72 2.59 23.73 6.45
N ASP E 73 2.18 23.03 7.51
CA ASP E 73 3.02 21.98 8.10
C ASP E 73 3.26 20.84 7.10
N ALA E 74 2.21 20.42 6.40
CA ALA E 74 2.32 19.33 5.42
C ALA E 74 3.24 19.70 4.28
N LEU E 75 3.13 20.95 3.81
CA LEU E 75 3.92 21.41 2.66
C LEU E 75 5.36 21.71 3.04
N HIS E 76 5.63 22.01 4.31
CA HIS E 76 7.02 22.16 4.77
C HIS E 76 7.73 20.81 4.65
N LEU E 77 7.07 19.76 5.15
CA LEU E 77 7.61 18.41 5.07
C LEU E 77 7.69 17.90 3.63
N ALA E 78 6.65 18.15 2.84
CA ALA E 78 6.67 17.76 1.42
C ALA E 78 7.86 18.37 0.68
N GLY E 79 8.21 19.61 1.02
CA GLY E 79 9.36 20.29 0.41
C GLY E 79 10.70 19.66 0.77
N LEU E 80 10.77 19.00 1.93
CA LEU E 80 11.97 18.32 2.39
C LEU E 80 12.04 16.86 1.93
N GLY E 81 11.07 16.42 1.13
CA GLY E 81 11.09 15.11 0.50
C GLY E 81 10.15 14.06 1.08
N TYR E 82 9.41 14.41 2.13
CA TYR E 82 8.52 13.46 2.79
C TYR E 82 7.25 13.17 1.99
N ALA E 83 6.71 11.96 2.15
CA ALA E 83 5.41 11.58 1.59
C ALA E 83 4.33 12.02 2.57
N VAL E 84 3.55 13.03 2.20
CA VAL E 84 2.60 13.63 3.13
C VAL E 84 1.16 13.60 2.63
N THR E 85 0.27 13.15 3.52
CA THR E 85 -1.17 13.29 3.35
C THR E 85 -1.68 14.22 4.45
N GLY E 86 -2.49 15.20 4.06
CA GLY E 86 -3.20 16.07 4.99
C GLY E 86 -4.69 15.80 4.92
N LEU E 87 -5.32 15.59 6.08
CA LEU E 87 -6.77 15.41 6.16
C LEU E 87 -7.34 16.50 7.03
N ASP E 88 -8.45 17.10 6.57
CA ASP E 88 -9.15 18.13 7.33
C ASP E 88 -10.65 18.05 7.02
N LEU E 89 -11.47 18.50 7.95
CA LEU E 89 -12.93 18.47 7.79
C LEU E 89 -13.45 19.56 6.83
N SER E 90 -12.67 20.63 6.66
CA SER E 90 -13.11 21.78 5.86
C SER E 90 -12.72 21.67 4.38
N PRO E 91 -13.73 21.64 3.48
CA PRO E 91 -13.42 21.61 2.05
C PRO E 91 -12.70 22.87 1.55
N THR E 92 -13.04 24.03 2.10
CA THR E 92 -12.35 25.27 1.78
C THR E 92 -10.88 25.17 2.15
N ALA E 93 -10.61 24.62 3.34
CA ALA E 93 -9.24 24.43 3.82
C ALA E 93 -8.46 23.51 2.90
N ILE E 94 -9.05 22.35 2.60
CA ILE E 94 -8.42 21.37 1.71
C ILE E 94 -8.22 21.96 0.31
N SER E 95 -9.17 22.78 -0.14
CA SER E 95 -9.03 23.47 -1.43
C SER E 95 -7.80 24.38 -1.42
N VAL E 96 -7.66 25.17 -0.36
CA VAL E 96 -6.54 26.11 -0.23
C VAL E 96 -5.20 25.38 -0.14
N ALA E 97 -5.18 24.26 0.61
CA ALA E 97 -3.99 23.44 0.71
C ALA E 97 -3.54 22.91 -0.64
N ARG E 98 -4.49 22.41 -1.43
CA ARG E 98 -4.20 21.92 -2.78
C ARG E 98 -3.67 23.04 -3.67
N ASP E 99 -4.22 24.24 -3.52
CA ASP E 99 -3.80 25.41 -4.31
C ASP E 99 -2.35 25.77 -3.98
N LYS E 100 -1.99 25.73 -2.69
CA LYS E 100 -0.62 26.01 -2.26
C LYS E 100 0.39 24.98 -2.80
N ALA E 101 0.03 23.71 -2.73
CA ALA E 101 0.89 22.64 -3.23
C ALA E 101 1.17 22.83 -4.72
N ASP E 102 0.10 22.98 -5.49
CA ASP E 102 0.20 23.22 -6.92
C ASP E 102 1.02 24.49 -7.21
N ALA E 103 0.73 25.56 -6.47
CA ALA E 103 1.47 26.82 -6.57
C ALA E 103 2.96 26.64 -6.33
N ARG E 104 3.32 25.86 -5.31
CA ARG E 104 4.72 25.66 -4.92
C ARG E 104 5.43 24.48 -5.61
N GLY E 105 4.72 23.81 -6.53
CA GLY E 105 5.28 22.69 -7.29
C GLY E 105 5.56 21.46 -6.43
N LEU E 106 4.78 21.27 -5.37
CA LEU E 106 5.01 20.19 -4.42
C LEU E 106 3.96 19.10 -4.58
N GLY E 107 4.38 17.85 -4.35
CA GLY E 107 3.50 16.69 -4.36
C GLY E 107 3.03 16.36 -2.96
N ALA E 108 1.73 16.54 -2.72
CA ALA E 108 1.13 16.15 -1.45
C ALA E 108 -0.34 15.77 -1.65
N VAL E 109 -0.83 14.87 -0.81
CA VAL E 109 -2.22 14.43 -0.86
C VAL E 109 -3.01 15.21 0.18
N PHE E 110 -4.05 15.91 -0.26
CA PHE E 110 -4.96 16.58 0.66
C PHE E 110 -6.38 16.12 0.40
N GLU E 111 -7.06 15.65 1.45
CA GLU E 111 -8.42 15.14 1.33
C GLU E 111 -9.30 15.61 2.48
N VAL E 112 -10.60 15.74 2.21
CA VAL E 112 -11.58 16.02 3.25
C VAL E 112 -11.88 14.71 3.97
N ALA E 113 -11.72 14.71 5.29
CA ALA E 113 -12.00 13.52 6.09
C ALA E 113 -12.26 13.89 7.55
N ASP E 114 -12.99 13.00 8.23
CA ASP E 114 -13.31 13.17 9.65
C ASP E 114 -12.35 12.29 10.45
N ALA E 115 -11.48 12.94 11.22
CA ALA E 115 -10.43 12.25 11.97
C ALA E 115 -10.95 11.47 13.19
N LEU E 116 -12.25 11.56 13.49
CA LEU E 116 -12.87 10.69 14.50
C LEU E 116 -13.36 9.35 13.90
N ASP E 117 -13.14 9.13 12.61
CA ASP E 117 -13.49 7.87 11.97
C ASP E 117 -12.26 7.22 11.30
N LEU E 118 -11.85 7.76 10.16
CA LEU E 118 -10.72 7.24 9.37
C LEU E 118 -10.89 5.79 8.87
N THR E 119 -12.13 5.30 8.87
CA THR E 119 -12.46 4.07 8.14
C THR E 119 -11.96 4.24 6.71
N GLY E 120 -11.29 3.21 6.20
CA GLY E 120 -10.68 3.24 4.87
C GLY E 120 -9.21 3.65 4.84
N TRP E 121 -8.80 4.32 5.91
N TRP E 121 -8.68 4.16 5.96
CA TRP E 121 -7.42 4.72 6.13
CA TRP E 121 -7.25 4.51 6.05
C TRP E 121 -6.93 3.79 7.22
C TRP E 121 -6.43 3.54 6.90
N GLU E 122 -6.60 2.57 6.84
N GLU E 122 -6.86 2.29 7.03
CA GLU E 122 -6.11 1.57 7.77
CA GLU E 122 -6.15 1.34 7.87
C GLU E 122 -4.64 1.28 7.52
C GLU E 122 -4.67 1.25 7.54
N GLU E 123 -3.83 1.37 8.58
CA GLU E 123 -2.39 1.11 8.50
C GLU E 123 -1.71 1.78 7.29
N ARG E 124 -2.04 3.04 7.04
CA ARG E 124 -1.39 3.79 5.94
C ARG E 124 -0.22 4.65 6.39
N PHE E 125 -0.16 5.00 7.68
CA PHE E 125 0.78 6.01 8.15
C PHE E 125 1.80 5.53 9.17
N ASP E 126 3.03 6.03 9.02
N ASP E 126 3.02 6.03 9.01
CA ASP E 126 4.14 5.73 9.93
CA ASP E 126 4.15 5.75 9.90
C ASP E 126 4.38 6.84 10.94
C ASP E 126 4.38 6.84 10.94
N THR E 127 4.01 8.08 10.59
CA THR E 127 4.12 9.22 11.50
C THR E 127 2.85 10.05 11.37
N VAL E 128 2.31 10.49 12.50
CA VAL E 128 1.23 11.46 12.51
C VAL E 128 1.75 12.75 13.15
N ILE E 129 1.43 13.88 12.53
CA ILE E 129 1.61 15.18 13.16
C ILE E 129 0.25 15.83 13.35
N ASP E 130 0.13 16.62 14.40
CA ASP E 130 -1.11 17.28 14.75
C ASP E 130 -0.74 18.64 15.33
N SER E 131 -1.22 19.70 14.69
CA SER E 131 -1.08 21.05 15.21
C SER E 131 -2.48 21.60 15.43
N GLY E 132 -2.98 21.43 16.65
CA GLY E 132 -4.23 22.05 17.07
C GLY E 132 -5.52 21.38 16.67
N LEU E 133 -5.47 20.08 16.32
CA LEU E 133 -6.68 19.30 16.16
C LEU E 133 -7.05 18.71 17.51
N ALA E 134 -6.14 17.91 18.06
CA ALA E 134 -6.39 17.21 19.33
C ALA E 134 -6.96 18.11 20.42
N HIS E 135 -6.50 19.36 20.51
CA HIS E 135 -6.99 20.25 21.56
C HIS E 135 -8.46 20.71 21.39
N THR E 136 -9.08 20.39 20.25
CA THR E 136 -10.52 20.65 20.05
C THR E 136 -11.40 19.57 20.67
N PHE E 137 -10.81 18.43 21.02
CA PHE E 137 -11.56 17.30 21.56
C PHE E 137 -11.37 17.16 23.06
N GLU E 138 -12.38 16.61 23.72
CA GLU E 138 -12.36 16.36 25.15
C GLU E 138 -12.83 14.95 25.44
N GLY E 139 -12.38 14.40 26.57
CA GLY E 139 -12.83 13.09 27.05
C GLY E 139 -13.10 12.07 25.96
N ASP E 140 -14.36 11.65 25.84
CA ASP E 140 -14.77 10.59 24.90
C ASP E 140 -14.31 10.87 23.47
N ARG E 141 -14.51 12.09 23.01
CA ARG E 141 -14.15 12.46 21.64
C ARG E 141 -12.63 12.41 21.39
N LEU E 142 -11.82 12.77 22.40
CA LEU E 142 -10.36 12.64 22.25
C LEU E 142 -9.95 11.18 22.20
N ARG E 143 -10.61 10.33 22.99
CA ARG E 143 -10.35 8.89 22.93
C ARG E 143 -10.74 8.34 21.55
N ALA E 144 -11.86 8.82 21.01
CA ALA E 144 -12.27 8.47 19.65
C ALA E 144 -11.20 8.84 18.63
N TYR E 145 -10.66 10.05 18.77
CA TYR E 145 -9.60 10.54 17.89
C TYR E 145 -8.36 9.62 17.95
N ALA E 146 -7.93 9.30 19.17
CA ALA E 146 -6.77 8.41 19.38
C ALA E 146 -6.99 7.00 18.80
N THR E 147 -8.24 6.54 18.82
CA THR E 147 -8.61 5.24 18.29
C THR E 147 -8.61 5.26 16.76
N ALA E 148 -8.99 6.40 16.19
CA ALA E 148 -8.96 6.59 14.74
C ALA E 148 -7.52 6.66 14.23
N LEU E 149 -6.68 7.39 14.96
CA LEU E 149 -5.26 7.45 14.61
C LEU E 149 -4.62 6.08 14.73
N HIS E 150 -4.98 5.33 15.77
CA HIS E 150 -4.46 3.98 15.93
C HIS E 150 -4.80 3.14 14.70
N ARG E 151 -6.07 3.13 14.32
CA ARG E 151 -6.52 2.46 13.08
C ARG E 151 -5.71 2.84 11.85
N ALA E 152 -5.46 4.14 11.68
CA ALA E 152 -4.81 4.66 10.47
C ALA E 152 -3.30 4.48 10.46
N CYS E 153 -2.73 4.23 11.63
CA CYS E 153 -1.29 4.04 11.76
C CYS E 153 -0.87 2.59 11.60
N ARG E 154 0.28 2.41 10.96
CA ARG E 154 0.94 1.12 10.90
CA ARG E 154 0.91 1.11 10.91
C ARG E 154 1.44 0.81 12.31
N PRO E 155 1.56 -0.50 12.65
CA PRO E 155 2.03 -0.82 14.00
C PRO E 155 3.43 -0.25 14.27
N GLY E 156 3.62 0.36 15.44
CA GLY E 156 4.90 0.98 15.80
C GLY E 156 5.09 2.40 15.29
N ALA E 157 4.03 3.00 14.73
CA ALA E 157 4.08 4.40 14.33
C ALA E 157 4.29 5.31 15.54
N VAL E 158 4.71 6.55 15.29
CA VAL E 158 4.70 7.58 16.32
C VAL E 158 3.73 8.72 15.94
N ALA E 159 2.89 9.09 16.90
CA ALA E 159 1.99 10.22 16.77
C ALA E 159 2.54 11.38 17.59
N HIS E 160 2.65 12.55 16.95
CA HIS E 160 3.11 13.77 17.59
C HIS E 160 1.92 14.70 17.67
N ILE E 161 1.62 15.17 18.87
CA ILE E 161 0.43 15.95 19.14
C ILE E 161 0.85 17.25 19.83
N LEU E 162 0.63 18.38 19.14
CA LEU E 162 0.94 19.69 19.67
C LEU E 162 -0.38 20.33 20.07
N SER E 163 -0.56 20.52 21.38
CA SER E 163 -1.83 20.93 21.95
C SER E 163 -1.65 22.05 22.98
N ILE E 164 -2.28 23.19 22.71
CA ILE E 164 -2.26 24.34 23.62
C ILE E 164 -2.58 23.93 25.06
N SER E 165 -1.92 24.58 26.00
CA SER E 165 -2.08 24.28 27.41
C SER E 165 -3.08 25.24 28.02
N ASP E 166 -3.39 25.03 29.30
CA ASP E 166 -4.25 25.95 30.04
C ASP E 166 -3.62 27.35 30.08
N ARG E 167 -2.31 27.40 30.29
CA ARG E 167 -1.58 28.68 30.33
C ARG E 167 -1.60 29.35 28.95
N GLY E 168 -1.21 28.61 27.93
CA GLY E 168 -1.22 29.13 26.56
C GLY E 168 -2.57 29.62 26.11
N SER E 169 -3.62 28.87 26.48
CA SER E 169 -4.99 29.24 26.18
C SER E 169 -5.36 30.57 26.84
N ALA E 170 -4.91 30.78 28.07
CA ALA E 170 -5.19 32.03 28.79
C ALA E 170 -4.54 33.22 28.09
N GLU E 171 -3.28 33.07 27.70
CA GLU E 171 -2.58 34.13 26.96
C GLU E 171 -3.28 34.39 25.62
N MET E 172 -3.43 33.36 24.82
CA MET E 172 -4.06 33.49 23.50
C MET E 172 -5.44 34.16 23.60
N GLN E 173 -6.30 33.63 24.48
CA GLN E 173 -7.65 34.17 24.67
C GLN E 173 -7.62 35.66 25.02
N ALA E 174 -6.76 36.02 25.97
CA ALA E 174 -6.62 37.41 26.41
C ALA E 174 -6.29 38.32 25.22
N ARG E 175 -5.34 37.89 24.40
CA ARG E 175 -4.92 38.67 23.24
C ARG E 175 -6.01 38.75 22.17
N LEU E 176 -6.71 37.64 21.94
CA LEU E 176 -7.83 37.59 20.98
C LEU E 176 -9.01 38.45 21.44
N ALA E 177 -9.29 38.41 22.73
CA ALA E 177 -10.43 39.13 23.30
C ALA E 177 -10.27 40.64 23.26
N GLU E 178 -9.06 41.13 23.47
CA GLU E 178 -8.76 42.56 23.36
C GLU E 178 -8.88 43.04 21.91
N ALA E 179 -8.59 42.16 20.95
CA ALA E 179 -8.55 42.50 19.53
C ALA E 179 -9.89 42.36 18.82
N ILE E 180 -10.70 41.38 19.22
CA ILE E 180 -11.97 41.08 18.52
C ILE E 180 -13.16 41.35 19.42
N ASP E 181 -14.19 41.99 18.86
CA ASP E 181 -15.41 42.32 19.61
C ASP E 181 -16.11 41.09 20.18
N GLU E 182 -16.36 40.11 19.32
CA GLU E 182 -17.14 38.93 19.71
C GLU E 182 -16.43 38.00 20.69
N ILE E 183 -15.10 38.07 20.74
CA ILE E 183 -14.31 37.18 21.57
C ILE E 183 -14.25 37.69 23.02
N PRO E 184 -14.77 36.90 23.97
CA PRO E 184 -14.84 37.34 25.36
C PRO E 184 -13.51 37.23 26.10
N ALA E 185 -13.33 38.06 27.12
CA ALA E 185 -12.13 38.00 27.96
C ALA E 185 -12.08 36.69 28.75
N PRO E 186 -10.87 36.19 29.04
CA PRO E 186 -10.72 34.95 29.79
C PRO E 186 -11.09 35.11 31.28
N LEU E 187 -11.37 33.99 31.94
CA LEU E 187 -11.70 33.99 33.36
C LEU E 187 -10.45 33.66 34.19
N PRO E 188 -10.21 34.40 35.29
CA PRO E 188 -9.06 34.11 36.14
C PRO E 188 -9.31 32.94 37.08
N ASP E 189 -8.36 32.00 37.14
CA ASP E 189 -8.44 30.86 38.06
C ASP E 189 -7.07 30.21 38.24
N LYS E 197 -8.43 22.30 31.90
CA LYS E 197 -9.07 21.40 30.95
C LYS E 197 -8.07 20.81 29.95
N ARG E 198 -6.98 21.54 29.70
CA ARG E 198 -5.93 21.10 28.77
C ARG E 198 -4.55 20.99 29.42
N SER E 199 -4.51 20.43 30.62
CA SER E 199 -3.24 20.11 31.26
C SER E 199 -2.62 18.89 30.58
N ALA E 200 -1.38 18.58 30.96
CA ALA E 200 -0.65 17.45 30.35
C ALA E 200 -1.38 16.12 30.53
N ASP E 201 -1.95 15.91 31.73
CA ASP E 201 -2.64 14.65 32.05
C ASP E 201 -3.88 14.38 31.18
N HIS E 202 -4.57 15.42 30.75
CA HIS E 202 -5.73 15.26 29.87
C HIS E 202 -5.32 14.76 28.48
N LEU E 203 -4.17 15.22 28.02
CA LEU E 203 -3.57 14.70 26.79
C LEU E 203 -3.11 13.25 27.00
N ARG E 204 -2.48 12.98 28.13
CA ARG E 204 -2.06 11.62 28.47
C ARG E 204 -3.24 10.64 28.51
N ASP E 205 -4.34 11.05 29.15
CA ASP E 205 -5.51 10.18 29.30
C ASP E 205 -6.16 9.83 27.95
N GLY E 206 -6.13 10.77 27.02
CA GLY E 206 -6.71 10.56 25.69
C GLY E 206 -6.05 9.46 24.87
N PHE E 207 -4.79 9.17 25.15
CA PHE E 207 -4.03 8.14 24.42
C PHE E 207 -3.68 6.95 25.32
N ALA E 208 -4.61 6.59 26.20
CA ALA E 208 -4.38 5.53 27.19
C ALA E 208 -4.41 4.12 26.58
N GLU E 209 -5.20 3.93 25.54
CA GLU E 209 -5.45 2.59 24.99
C GLU E 209 -4.81 2.43 23.60
N GLY E 210 -3.95 1.43 23.47
CA GLY E 210 -3.26 1.16 22.19
C GLY E 210 -2.03 2.02 21.89
N TRP E 211 -1.71 2.94 22.80
CA TRP E 211 -0.50 3.76 22.71
C TRP E 211 0.27 3.72 24.02
N THR E 212 1.58 3.87 23.91
CA THR E 212 2.42 4.20 25.05
C THR E 212 2.91 5.63 24.89
N ILE E 213 2.89 6.41 25.97
CA ILE E 213 3.43 7.76 25.95
C ILE E 213 4.95 7.65 26.03
N GLU E 214 5.63 8.23 25.04
CA GLU E 214 7.10 8.28 25.03
C GLU E 214 7.61 9.55 25.70
N SER E 215 6.89 10.66 25.53
CA SER E 215 7.27 11.93 26.14
C SER E 215 6.13 12.93 26.05
N ILE E 216 6.09 13.84 27.02
CA ILE E 216 5.25 15.04 26.95
C ILE E 216 6.14 16.21 27.39
N ASP E 217 6.55 17.01 26.43
CA ASP E 217 7.41 18.15 26.69
C ASP E 217 6.62 19.44 26.71
N GLU E 218 7.13 20.43 27.44
CA GLU E 218 6.64 21.78 27.30
C GLU E 218 7.14 22.31 25.96
N SER E 219 6.28 23.01 25.24
CA SER E 219 6.62 23.48 23.92
C SER E 219 5.92 24.80 23.62
N LEU E 220 5.86 25.16 22.34
CA LEU E 220 5.22 26.40 21.94
C LEU E 220 4.26 26.19 20.79
N MET E 221 3.26 27.05 20.71
CA MET E 221 2.37 27.11 19.56
C MET E 221 2.31 28.55 19.08
N ARG E 222 2.66 28.74 17.82
CA ARG E 222 2.64 30.05 17.19
C ARG E 222 1.23 30.35 16.68
N GLY E 223 0.81 31.59 16.88
CA GLY E 223 -0.47 32.05 16.37
C GLY E 223 -0.35 33.44 15.79
N VAL E 224 -1.43 33.89 15.18
CA VAL E 224 -1.52 35.24 14.64
C VAL E 224 -2.76 35.92 15.20
N ILE E 225 -2.61 37.16 15.64
CA ILE E 225 -3.74 37.95 16.13
C ILE E 225 -4.55 38.34 14.88
N PRO E 226 -5.78 37.81 14.75
CA PRO E 226 -6.55 38.00 13.51
C PRO E 226 -6.71 39.46 13.08
N THR E 227 -7.02 40.33 14.04
CA THR E 227 -7.29 41.75 13.77
C THR E 227 -6.03 42.56 13.47
N THR E 228 -4.87 42.11 13.93
CA THR E 228 -3.64 42.92 13.87
C THR E 228 -2.45 42.29 13.12
N SER E 229 -2.45 40.96 12.93
CA SER E 229 -1.37 40.25 12.23
C SER E 229 -0.05 40.13 13.03
N GLU E 230 -0.09 40.41 14.32
CA GLU E 230 1.06 40.20 15.19
C GLU E 230 1.24 38.71 15.47
N LEU E 231 2.47 38.22 15.38
CA LEU E 231 2.78 36.82 15.68
C LEU E 231 3.02 36.67 17.19
N LEU E 232 2.60 35.53 17.73
CA LEU E 232 2.71 35.26 19.16
C LEU E 232 2.91 33.78 19.41
N ASP E 233 3.87 33.46 20.26
CA ASP E 233 4.14 32.09 20.70
C ASP E 233 3.61 31.84 22.09
N VAL E 234 2.63 30.94 22.21
CA VAL E 234 1.99 30.64 23.49
C VAL E 234 2.38 29.24 23.96
N HIS E 235 2.18 28.98 25.25
CA HIS E 235 2.61 27.73 25.86
C HIS E 235 1.77 26.56 25.37
N ALA E 236 2.43 25.44 25.10
CA ALA E 236 1.75 24.24 24.62
C ALA E 236 2.44 22.99 25.12
N TRP E 237 1.75 21.87 24.97
CA TRP E 237 2.32 20.54 25.17
C TRP E 237 2.67 19.93 23.82
N LEU E 238 3.79 19.22 23.76
CA LEU E 238 4.10 18.39 22.61
C LEU E 238 4.19 16.97 23.15
N GLY E 239 3.22 16.15 22.75
CA GLY E 239 3.19 14.75 23.14
C GLY E 239 3.69 13.86 22.03
N ARG E 240 4.37 12.78 22.42
CA ARG E 240 4.88 11.78 21.50
C ARG E 240 4.37 10.43 21.96
N PHE E 241 3.61 9.77 21.10
CA PHE E 241 2.92 8.54 21.45
C PHE E 241 3.29 7.41 20.48
N ARG E 242 3.75 6.29 21.02
CA ARG E 242 4.09 5.12 20.24
C ARG E 242 2.85 4.26 20.05
N ARG E 243 2.47 4.05 18.79
CA ARG E 243 1.36 3.17 18.44
C ARG E 243 1.82 1.74 18.66
N ASP E 244 1.00 0.92 19.32
CA ASP E 244 1.39 -0.45 19.65
C ASP E 244 1.45 -1.33 18.40
N TRP E 245 1.81 -2.61 18.58
CA TRP E 245 1.95 -3.53 17.46
C TRP E 245 0.78 -4.51 17.38
N ASN E 246 -0.40 -4.08 17.84
CA ASN E 246 -1.62 -4.85 17.67
C ASN E 246 -2.09 -4.71 16.23
N SER E 247 -1.68 -5.67 15.41
CA SER E 247 -1.95 -5.66 13.98
C SER E 247 -2.04 -7.11 13.51
N SER E 248 -3.06 -7.42 12.73
CA SER E 248 -3.29 -8.79 12.24
C SER E 248 -2.09 -9.31 11.44
N SER E 249 -1.49 -8.44 10.62
CA SER E 249 -0.32 -8.81 9.83
C SER E 249 0.87 -9.18 10.71
N VAL E 250 1.01 -8.50 11.85
CA VAL E 250 2.08 -8.80 12.79
C VAL E 250 1.78 -10.10 13.55
N ASP E 251 0.51 -10.31 13.90
CA ASP E 251 0.08 -11.59 14.49
C ASP E 251 0.31 -12.77 13.53
N LYS E 252 0.23 -12.52 12.23
CA LYS E 252 0.57 -13.52 11.22
C LYS E 252 2.06 -13.84 11.23
N LEU E 253 2.89 -12.80 11.29
CA LEU E 253 4.34 -12.96 11.38
C LEU E 253 4.73 -13.79 12.60
N ALA E 254 4.13 -13.47 13.74
CA ALA E 254 4.43 -14.15 15.00
C ALA E 254 4.04 -15.62 14.95
N ALA E 255 2.92 -15.92 14.29
CA ALA E 255 2.46 -17.30 14.13
C ALA E 255 3.36 -18.10 13.18
N ALA E 256 3.89 -17.43 12.16
CA ALA E 256 4.79 -18.07 11.18
C ALA E 256 6.13 -18.49 11.81
N LEU E 257 6.62 -17.68 12.76
CA LEU E 257 7.89 -17.97 13.45
C LEU E 257 7.82 -19.20 14.36
N GLU E 258 6.60 -19.64 14.68
CA GLU E 258 6.39 -20.88 15.43
C GLU E 258 6.36 -22.12 14.54
N HIS E 259 6.61 -21.94 13.24
CA HIS E 259 6.55 -23.02 12.25
C HIS E 259 5.19 -23.73 12.28
N HIS E 260 4.22 -23.08 11.65
CA HIS E 260 2.80 -23.51 11.67
C HIS E 260 2.62 -25.02 11.48
N DSN F 1 -13.31 30.47 21.80
CA DSN F 1 -11.94 30.87 21.55
C DSN F 1 -11.17 29.85 20.76
O DSN F 1 -11.77 28.90 20.28
CB DSN F 1 -11.90 32.19 20.76
OG DSN F 1 -12.21 31.95 19.38
N ALA F 2 -9.87 30.05 20.57
CA ALA F 2 -9.06 29.20 19.71
C ALA F 2 -8.18 28.25 20.50
N N2C F 3 -8.38 26.91 20.53
CA N2C F 3 -9.59 26.25 20.02
CB N2C F 3 -9.25 25.60 18.67
SG N2C F 3 -8.06 26.53 17.77
CD N2C F 3 -7.74 25.66 16.27
CN N2C F 3 -7.35 26.05 21.09
C N2C F 3 -10.08 25.18 20.97
O N2C F 3 -10.07 24.02 20.57
N MVA F 4 -10.49 25.54 22.20
CN MVA F 4 -10.87 26.91 22.54
CA MVA F 4 -10.62 24.47 23.20
CB MVA F 4 -10.30 24.99 24.61
CG1 MVA F 4 -10.43 23.91 25.69
CG2 MVA F 4 -8.90 25.59 24.69
C MVA F 4 -12.02 23.90 23.12
O MVA F 4 -12.18 22.72 22.91
N DSN F 5 -15.05 26.70 23.09
CA DSN F 5 -15.18 25.55 22.20
C DSN F 5 -14.51 25.79 20.89
O DSN F 5 -13.70 26.70 20.80
CB DSN F 5 -14.49 24.37 22.85
OG DSN F 5 -13.18 24.78 23.25
N ALA F 6 -14.78 24.94 19.90
CA ALA F 6 -13.99 24.90 18.67
C ALA F 6 -14.56 25.78 17.58
N NCY F 7 -13.78 26.66 16.91
CA NCY F 7 -12.67 27.38 17.57
CB NCY F 7 -11.31 26.88 17.02
SG NCY F 7 -10.74 25.36 17.71
CN NCY F 7 -14.06 26.98 15.51
C NCY F 7 -12.76 28.88 17.32
O NCY F 7 -11.88 29.42 16.67
N MVA F 8 -13.78 29.58 17.83
CN MVA F 8 -14.89 29.01 18.61
CA MVA F 8 -13.77 31.03 17.61
CB MVA F 8 -15.04 31.47 16.87
CG1 MVA F 8 -14.93 32.92 16.40
CG2 MVA F 8 -15.34 30.57 15.67
C MVA F 8 -13.57 31.76 18.92
O MVA F 8 -14.51 32.17 19.58
N HIS G 20 -12.33 15.53 -43.48
CA HIS G 20 -11.15 16.43 -43.34
C HIS G 20 -10.01 15.75 -42.57
N MET G 21 -10.32 15.26 -41.37
CA MET G 21 -9.29 14.70 -40.48
C MET G 21 -8.66 13.40 -41.02
N THR G 22 -9.45 12.60 -41.75
CA THR G 22 -8.91 11.45 -42.49
C THR G 22 -7.80 11.91 -43.43
N GLU G 23 -8.09 12.96 -44.20
CA GLU G 23 -7.18 13.46 -45.22
C GLU G 23 -5.88 14.02 -44.63
N VAL G 24 -5.98 14.79 -43.55
CA VAL G 24 -4.81 15.39 -42.90
C VAL G 24 -3.84 14.29 -42.47
N PHE G 25 -4.34 13.32 -41.71
CA PHE G 25 -3.46 12.24 -41.26
C PHE G 25 -2.99 11.37 -42.40
N ASP G 26 -3.85 11.05 -43.35
CA ASP G 26 -3.42 10.15 -44.42
C ASP G 26 -2.27 10.74 -45.22
N ALA G 27 -2.33 12.04 -45.51
CA ALA G 27 -1.23 12.74 -46.18
C ALA G 27 0.09 12.63 -45.40
N VAL G 28 0.02 12.76 -44.08
CA VAL G 28 1.20 12.56 -43.24
C VAL G 28 1.77 11.15 -43.47
N TYR G 29 0.89 10.16 -43.42
CA TYR G 29 1.30 8.76 -43.61
C TYR G 29 1.78 8.45 -45.04
N ARG G 30 1.35 9.23 -46.03
CA ARG G 30 1.81 9.05 -47.41
C ARG G 30 3.16 9.71 -47.67
N GLY G 31 3.73 10.37 -46.67
CA GLY G 31 5.01 11.05 -46.79
C GLY G 31 4.93 12.43 -47.42
N GLU G 32 3.73 13.03 -47.41
CA GLU G 32 3.48 14.28 -48.13
C GLU G 32 3.59 15.54 -47.25
N SER G 33 3.99 15.38 -45.99
CA SER G 33 4.06 16.49 -45.03
C SER G 33 5.53 16.88 -44.78
N PRO G 34 5.77 17.98 -44.02
CA PRO G 34 7.16 18.33 -43.67
C PRO G 34 7.90 17.26 -42.88
N PHE G 35 7.17 16.30 -42.30
CA PHE G 35 7.78 15.19 -41.57
C PHE G 35 8.46 14.17 -42.48
N GLY G 36 8.11 14.19 -43.77
CA GLY G 36 8.67 13.23 -44.72
C GLY G 36 8.24 11.83 -44.34
N LYS G 37 9.20 10.92 -44.32
CA LYS G 37 8.93 9.52 -44.02
C LYS G 37 8.74 9.23 -42.53
N ARG G 38 8.95 10.22 -41.66
CA ARG G 38 9.01 10.01 -40.21
C ARG G 38 8.08 10.97 -39.46
N PRO G 39 6.78 10.67 -39.41
CA PRO G 39 5.92 11.36 -38.46
C PRO G 39 6.46 11.22 -37.02
N PRO G 40 6.35 12.28 -36.19
CA PRO G 40 7.01 12.31 -34.88
C PRO G 40 6.46 11.34 -33.83
N TRP G 41 5.37 10.63 -34.12
CA TRP G 41 4.85 9.57 -33.25
C TRP G 41 5.14 8.16 -33.78
N ASP G 42 5.69 8.07 -35.00
CA ASP G 42 5.92 6.78 -35.62
C ASP G 42 7.32 6.26 -35.29
N ILE G 43 7.43 5.68 -34.10
CA ILE G 43 8.72 5.39 -33.46
C ILE G 43 9.31 3.99 -33.71
N GLY G 44 8.64 3.16 -34.50
CA GLY G 44 9.18 1.83 -34.89
C GLY G 44 9.19 0.80 -33.77
N ALA G 45 8.39 1.04 -32.74
CA ALA G 45 8.39 0.24 -31.54
C ALA G 45 7.17 0.63 -30.73
N PRO G 46 6.72 -0.25 -29.81
CA PRO G 46 5.63 0.17 -28.94
C PRO G 46 6.06 1.27 -27.96
N GLN G 47 5.09 1.93 -27.34
CA GLN G 47 5.37 2.90 -26.29
C GLN G 47 5.80 2.19 -25.01
N PRO G 48 6.89 2.66 -24.37
CA PRO G 48 7.28 2.11 -23.07
C PRO G 48 6.14 1.96 -22.03
N ALA G 49 5.20 2.91 -22.02
CA ALA G 49 4.07 2.86 -21.08
C ALA G 49 3.19 1.64 -21.29
N TYR G 50 2.94 1.28 -22.55
CA TYR G 50 2.12 0.12 -22.84
C TYR G 50 2.87 -1.19 -22.68
N VAL G 51 4.18 -1.16 -22.92
CA VAL G 51 5.01 -2.30 -22.59
C VAL G 51 4.95 -2.55 -21.08
N ALA G 52 5.02 -1.47 -20.31
CA ALA G 52 4.96 -1.55 -18.85
C ALA G 52 3.59 -2.03 -18.36
N LEU G 53 2.52 -1.42 -18.84
CA LEU G 53 1.15 -1.84 -18.48
C LEU G 53 0.93 -3.32 -18.76
N GLU G 54 1.50 -3.81 -19.87
CA GLU G 54 1.36 -5.22 -20.20
C GLU G 54 2.13 -6.07 -19.20
N LYS G 55 3.36 -5.66 -18.88
CA LYS G 55 4.16 -6.40 -17.88
C LYS G 55 3.54 -6.37 -16.48
N ALA G 56 2.77 -5.33 -16.20
CA ALA G 56 2.04 -5.21 -14.93
C ALA G 56 0.75 -6.05 -14.89
N GLY G 57 0.39 -6.69 -16.01
CA GLY G 57 -0.77 -7.55 -16.06
C GLY G 57 -2.09 -6.81 -16.22
N LEU G 58 -2.02 -5.58 -16.73
CA LEU G 58 -3.17 -4.68 -16.75
C LEU G 58 -3.87 -4.62 -18.11
N ILE G 59 -3.54 -5.56 -19.00
CA ILE G 59 -4.22 -5.70 -20.28
C ILE G 59 -4.90 -7.07 -20.35
N GLN G 60 -6.23 -7.05 -20.48
CA GLN G 60 -7.12 -8.21 -20.40
C GLN G 60 -7.86 -8.47 -21.72
N GLY G 61 -8.07 -9.75 -22.04
CA GLY G 61 -9.06 -10.16 -23.04
C GLY G 61 -8.90 -9.55 -24.42
N ALA G 62 -10.02 -9.20 -25.04
CA ALA G 62 -9.98 -8.59 -26.38
C ALA G 62 -9.52 -7.14 -26.26
N VAL G 63 -8.41 -6.83 -26.93
CA VAL G 63 -7.82 -5.51 -26.87
C VAL G 63 -8.13 -4.69 -28.13
N LEU G 64 -8.47 -3.41 -27.92
CA LEU G 64 -8.61 -2.43 -29.01
C LEU G 64 -7.51 -1.39 -28.87
N ASP G 65 -6.74 -1.21 -29.93
CA ASP G 65 -5.86 -0.05 -30.04
C ASP G 65 -6.57 0.96 -30.94
N ALA G 66 -7.14 1.99 -30.32
CA ALA G 66 -7.92 2.98 -31.03
C ALA G 66 -6.98 4.07 -31.52
N GLY G 67 -7.04 4.39 -32.81
CA GLY G 67 -6.06 5.28 -33.44
C GLY G 67 -4.69 4.63 -33.52
N CYS G 68 -4.67 3.38 -33.97
CA CYS G 68 -3.46 2.54 -33.86
C CYS G 68 -2.27 2.96 -34.73
N GLY G 69 -2.50 3.88 -35.67
CA GLY G 69 -1.45 4.27 -36.60
C GLY G 69 -0.92 3.07 -37.35
N THR G 70 0.41 2.98 -37.48
CA THR G 70 1.03 1.87 -38.20
C THR G 70 1.20 0.60 -37.35
N GLY G 71 0.60 0.56 -36.16
CA GLY G 71 0.36 -0.71 -35.46
C GLY G 71 1.41 -1.24 -34.48
N GLU G 72 2.44 -0.47 -34.17
CA GLU G 72 3.53 -0.99 -33.33
C GLU G 72 3.07 -1.45 -31.93
N ASP G 73 2.13 -0.73 -31.31
CA ASP G 73 1.63 -1.16 -29.99
C ASP G 73 0.81 -2.43 -30.11
N ALA G 74 -0.06 -2.48 -31.12
CA ALA G 74 -0.90 -3.65 -31.36
C ALA G 74 -0.05 -4.87 -31.67
N LEU G 75 0.97 -4.69 -32.51
CA LEU G 75 1.83 -5.80 -32.90
C LEU G 75 2.68 -6.30 -31.72
N HIS G 76 3.10 -5.40 -30.85
CA HIS G 76 3.79 -5.83 -29.63
C HIS G 76 2.90 -6.77 -28.82
N LEU G 77 1.65 -6.36 -28.63
CA LEU G 77 0.72 -7.19 -27.88
C LEU G 77 0.40 -8.51 -28.61
N ALA G 78 0.22 -8.45 -29.93
CA ALA G 78 -0.08 -9.66 -30.71
C ALA G 78 1.06 -10.69 -30.64
N GLY G 79 2.29 -10.22 -30.56
CA GLY G 79 3.46 -11.08 -30.47
C GLY G 79 3.56 -11.78 -29.12
N LEU G 80 2.91 -11.22 -28.10
CA LEU G 80 2.83 -11.83 -26.77
C LEU G 80 1.61 -12.75 -26.61
N GLY G 81 0.73 -12.78 -27.61
CA GLY G 81 -0.43 -13.67 -27.64
C GLY G 81 -1.78 -13.03 -27.41
N TYR G 82 -1.80 -11.69 -27.29
CA TYR G 82 -3.06 -10.97 -27.07
C TYR G 82 -3.91 -10.96 -28.34
N ALA G 83 -5.22 -11.00 -28.16
CA ALA G 83 -6.18 -10.80 -29.24
C ALA G 83 -6.34 -9.31 -29.45
N VAL G 84 -5.72 -8.77 -30.50
CA VAL G 84 -5.72 -7.32 -30.73
C VAL G 84 -6.43 -6.91 -32.01
N THR G 85 -7.21 -5.83 -31.90
CA THR G 85 -7.75 -5.13 -33.06
C THR G 85 -7.25 -3.70 -33.00
N GLY G 86 -6.67 -3.23 -34.10
CA GLY G 86 -6.28 -1.82 -34.21
C GLY G 86 -7.18 -1.12 -35.20
N LEU G 87 -7.70 0.04 -34.81
CA LEU G 87 -8.57 0.87 -35.67
C LEU G 87 -7.93 2.24 -35.89
N ASP G 88 -7.98 2.70 -37.14
CA ASP G 88 -7.49 4.02 -37.48
C ASP G 88 -8.28 4.60 -38.64
N LEU G 89 -8.37 5.92 -38.67
CA LEU G 89 -9.07 6.62 -39.72
C LEU G 89 -8.30 6.61 -41.06
N SER G 90 -7.00 6.38 -41.00
CA SER G 90 -6.13 6.48 -42.18
C SER G 90 -5.98 5.15 -42.91
N PRO G 91 -6.46 5.06 -44.17
CA PRO G 91 -6.16 3.84 -44.95
C PRO G 91 -4.68 3.52 -45.08
N THR G 92 -3.86 4.55 -45.29
CA THR G 92 -2.42 4.37 -45.45
C THR G 92 -1.82 3.75 -44.18
N ALA G 93 -2.16 4.31 -43.02
CA ALA G 93 -1.71 3.75 -41.74
C ALA G 93 -2.11 2.29 -41.58
N ILE G 94 -3.38 2.01 -41.85
CA ILE G 94 -3.89 0.65 -41.71
C ILE G 94 -3.19 -0.32 -42.68
N SER G 95 -2.91 0.13 -43.91
CA SER G 95 -2.22 -0.72 -44.88
C SER G 95 -0.81 -1.05 -44.39
N VAL G 96 -0.12 -0.06 -43.83
CA VAL G 96 1.23 -0.27 -43.28
C VAL G 96 1.17 -1.23 -42.08
N ALA G 97 0.18 -1.06 -41.20
CA ALA G 97 0.03 -1.98 -40.08
C ALA G 97 -0.21 -3.41 -40.55
N ARG G 98 -1.04 -3.59 -41.58
CA ARG G 98 -1.26 -4.91 -42.15
C ARG G 98 0.04 -5.47 -42.76
N ASP G 99 0.82 -4.58 -43.39
CA ASP G 99 2.13 -4.97 -43.93
C ASP G 99 3.00 -5.55 -42.84
N LYS G 100 3.08 -4.83 -41.72
CA LYS G 100 3.92 -5.26 -40.62
C LYS G 100 3.41 -6.57 -40.03
N ALA G 101 2.09 -6.67 -39.87
CA ALA G 101 1.49 -7.90 -39.34
C ALA G 101 1.81 -9.11 -40.23
N ASP G 102 1.71 -8.94 -41.55
CA ASP G 102 1.99 -10.05 -42.46
C ASP G 102 3.46 -10.42 -42.44
N ALA G 103 4.33 -9.41 -42.48
CA ALA G 103 5.76 -9.64 -42.54
C ALA G 103 6.28 -10.36 -41.30
N ARG G 104 5.73 -9.99 -40.15
CA ARG G 104 6.15 -10.54 -38.86
C ARG G 104 5.46 -11.85 -38.52
N GLY G 105 4.49 -12.26 -39.33
CA GLY G 105 3.75 -13.48 -39.08
C GLY G 105 2.93 -13.36 -37.81
N LEU G 106 2.29 -12.21 -37.63
CA LEU G 106 1.48 -11.94 -36.44
C LEU G 106 0.00 -11.86 -36.79
N GLY G 107 -0.83 -12.41 -35.89
CA GLY G 107 -2.27 -12.41 -36.05
C GLY G 107 -2.84 -11.21 -35.32
N ALA G 108 -3.44 -10.30 -36.09
CA ALA G 108 -4.17 -9.16 -35.54
C ALA G 108 -5.11 -8.64 -36.62
N VAL G 109 -6.17 -7.96 -36.20
CA VAL G 109 -7.09 -7.34 -37.12
C VAL G 109 -6.79 -5.86 -37.14
N PHE G 110 -6.59 -5.30 -38.33
CA PHE G 110 -6.47 -3.86 -38.51
C PHE G 110 -7.56 -3.43 -39.48
N GLU G 111 -8.32 -2.40 -39.12
CA GLU G 111 -9.43 -1.95 -39.97
C GLU G 111 -9.51 -0.44 -39.97
N VAL G 112 -10.00 0.12 -41.07
CA VAL G 112 -10.25 1.54 -41.15
C VAL G 112 -11.57 1.84 -40.44
N ALA G 113 -11.51 2.71 -39.44
CA ALA G 113 -12.71 3.11 -38.71
C ALA G 113 -12.55 4.50 -38.11
N ASP G 114 -13.70 5.13 -37.86
CA ASP G 114 -13.78 6.37 -37.12
C ASP G 114 -14.08 6.03 -35.66
N ALA G 115 -13.19 6.44 -34.75
CA ALA G 115 -13.35 6.12 -33.32
C ALA G 115 -14.32 7.08 -32.62
N LEU G 116 -14.80 8.09 -33.33
CA LEU G 116 -15.91 8.90 -32.84
C LEU G 116 -17.27 8.24 -33.11
N ASP G 117 -17.25 7.03 -33.69
CA ASP G 117 -18.48 6.32 -34.01
C ASP G 117 -18.45 4.86 -33.50
N LEU G 118 -17.63 4.03 -34.13
CA LEU G 118 -17.50 2.60 -33.76
C LEU G 118 -18.80 1.80 -33.91
N THR G 119 -19.62 2.18 -34.89
CA THR G 119 -20.79 1.40 -35.25
C THR G 119 -20.31 0.04 -35.75
N GLY G 120 -20.93 -1.02 -35.27
CA GLY G 120 -20.57 -2.38 -35.64
C GLY G 120 -19.67 -3.10 -34.63
N TRP G 121 -19.03 -2.35 -33.73
CA TRP G 121 -18.08 -2.92 -32.77
C TRP G 121 -18.63 -3.01 -31.35
N GLU G 122 -19.94 -3.19 -31.21
CA GLU G 122 -20.61 -3.05 -29.92
C GLU G 122 -20.18 -4.14 -28.93
N GLU G 123 -19.79 -3.71 -27.73
CA GLU G 123 -19.37 -4.58 -26.64
C GLU G 123 -18.41 -5.70 -27.09
N ARG G 124 -17.38 -5.31 -27.85
CA ARG G 124 -16.38 -6.24 -28.36
C ARG G 124 -15.10 -6.31 -27.53
N PHE G 125 -14.79 -5.26 -26.75
CA PHE G 125 -13.47 -5.15 -26.11
C PHE G 125 -13.49 -5.11 -24.59
N ASP G 126 -12.47 -5.77 -24.01
CA ASP G 126 -12.24 -5.81 -22.58
C ASP G 126 -11.22 -4.76 -22.15
N THR G 127 -10.27 -4.46 -23.03
CA THR G 127 -9.25 -3.44 -22.78
C THR G 127 -9.13 -2.53 -24.01
N VAL G 128 -8.95 -1.24 -23.76
CA VAL G 128 -8.61 -0.27 -24.80
C VAL G 128 -7.25 0.34 -24.46
N ILE G 129 -6.44 0.54 -25.50
CA ILE G 129 -5.20 1.31 -25.36
C ILE G 129 -5.22 2.44 -26.37
N ASP G 130 -4.66 3.57 -25.96
CA ASP G 130 -4.60 4.79 -26.76
C ASP G 130 -3.27 5.47 -26.48
N SER G 131 -2.40 5.55 -27.51
CA SER G 131 -1.26 6.44 -27.50
C SER G 131 -1.43 7.49 -28.58
N GLY G 132 -1.99 8.63 -28.21
CA GLY G 132 -2.00 9.82 -29.08
C GLY G 132 -3.23 10.06 -29.92
N LEU G 133 -4.35 9.40 -29.62
CA LEU G 133 -5.61 9.72 -30.29
C LEU G 133 -6.37 10.72 -29.44
N ALA G 134 -6.64 10.36 -28.19
CA ALA G 134 -7.43 11.23 -27.32
C ALA G 134 -6.86 12.64 -27.26
N HIS G 135 -5.53 12.78 -27.29
CA HIS G 135 -4.95 14.13 -27.16
C HIS G 135 -5.20 15.04 -28.39
N THR G 136 -5.69 14.47 -29.49
CA THR G 136 -6.12 15.25 -30.66
C THR G 136 -7.52 15.82 -30.50
N PHE G 137 -8.27 15.34 -29.49
CA PHE G 137 -9.63 15.79 -29.25
C PHE G 137 -9.69 16.76 -28.08
N GLU G 138 -10.76 17.55 -28.05
CA GLU G 138 -11.04 18.46 -26.96
C GLU G 138 -12.54 18.52 -26.72
N GLY G 139 -12.92 18.89 -25.50
CA GLY G 139 -14.31 19.15 -25.18
C GLY G 139 -15.27 18.05 -25.61
N ASP G 140 -16.22 18.40 -26.48
CA ASP G 140 -17.27 17.46 -26.88
C ASP G 140 -16.78 16.32 -27.77
N ARG G 141 -15.79 16.58 -28.63
CA ARG G 141 -15.21 15.52 -29.46
C ARG G 141 -14.58 14.44 -28.57
N LEU G 142 -13.94 14.87 -27.49
CA LEU G 142 -13.34 13.93 -26.54
C LEU G 142 -14.41 13.11 -25.80
N ARG G 143 -15.53 13.75 -25.45
CA ARG G 143 -16.65 13.03 -24.85
C ARG G 143 -17.32 12.06 -25.83
N ALA G 144 -17.40 12.44 -27.10
CA ALA G 144 -17.93 11.56 -28.15
C ALA G 144 -17.05 10.32 -28.32
N TYR G 145 -15.74 10.52 -28.21
CA TYR G 145 -14.77 9.43 -28.25
C TYR G 145 -15.00 8.48 -27.07
N ALA G 146 -15.00 9.04 -25.87
CA ALA G 146 -15.25 8.25 -24.66
C ALA G 146 -16.57 7.46 -24.75
N THR G 147 -17.58 8.08 -25.37
CA THR G 147 -18.88 7.46 -25.59
C THR G 147 -18.84 6.35 -26.63
N ALA G 148 -18.10 6.58 -27.72
CA ALA G 148 -17.90 5.54 -28.73
C ALA G 148 -17.19 4.33 -28.11
N LEU G 149 -16.15 4.62 -27.32
CA LEU G 149 -15.41 3.59 -26.61
C LEU G 149 -16.32 2.84 -25.63
N HIS G 150 -17.19 3.57 -24.96
CA HIS G 150 -18.12 2.93 -24.04
C HIS G 150 -18.99 1.93 -24.81
N ARG G 151 -19.50 2.36 -25.95
CA ARG G 151 -20.31 1.51 -26.83
C ARG G 151 -19.59 0.24 -27.27
N ALA G 152 -18.30 0.38 -27.60
CA ALA G 152 -17.50 -0.74 -28.12
C ALA G 152 -16.95 -1.67 -27.04
N CYS G 153 -17.01 -1.22 -25.79
CA CYS G 153 -16.45 -1.98 -24.66
C CYS G 153 -17.48 -2.82 -23.93
N ARG G 154 -17.02 -3.97 -23.47
CA ARG G 154 -17.81 -4.84 -22.62
CA ARG G 154 -17.81 -4.84 -22.62
C ARG G 154 -17.89 -4.22 -21.23
N PRO G 155 -18.97 -4.53 -20.49
CA PRO G 155 -19.09 -3.91 -19.16
C PRO G 155 -17.89 -4.23 -18.27
N GLY G 156 -17.39 -3.22 -17.55
CA GLY G 156 -16.24 -3.39 -16.67
C GLY G 156 -14.88 -3.31 -17.36
N ALA G 157 -14.87 -3.04 -18.66
CA ALA G 157 -13.63 -2.88 -19.41
C ALA G 157 -12.81 -1.72 -18.85
N VAL G 158 -11.51 -1.71 -19.16
CA VAL G 158 -10.66 -0.60 -18.75
C VAL G 158 -10.06 -0.01 -20.01
N ALA G 159 -10.08 1.32 -20.08
CA ALA G 159 -9.45 2.05 -21.16
C ALA G 159 -8.21 2.73 -20.61
N HIS G 160 -7.07 2.46 -21.23
CA HIS G 160 -5.82 3.12 -20.90
C HIS G 160 -5.59 4.19 -21.97
N ILE G 161 -5.32 5.41 -21.53
CA ILE G 161 -5.16 6.55 -22.42
C ILE G 161 -3.83 7.25 -22.14
N LEU G 162 -2.96 7.28 -23.14
CA LEU G 162 -1.69 7.98 -23.02
C LEU G 162 -1.78 9.27 -23.82
N SER G 163 -1.67 10.39 -23.10
CA SER G 163 -1.95 11.72 -23.64
C SER G 163 -0.82 12.68 -23.28
N ILE G 164 -0.29 13.35 -24.29
CA ILE G 164 0.74 14.35 -24.07
C ILE G 164 0.19 15.44 -23.15
N SER G 165 1.05 16.00 -22.30
CA SER G 165 0.66 17.10 -21.43
C SER G 165 1.05 18.45 -22.02
N ASP G 166 0.62 19.52 -21.37
CA ASP G 166 1.06 20.86 -21.72
C ASP G 166 2.59 20.94 -21.69
N ARG G 167 3.19 20.33 -20.66
CA ARG G 167 4.66 20.30 -20.53
C ARG G 167 5.31 19.49 -21.67
N GLY G 168 4.77 18.31 -21.94
CA GLY G 168 5.29 17.47 -23.02
C GLY G 168 5.14 18.10 -24.39
N SER G 169 4.01 18.77 -24.61
CA SER G 169 3.76 19.47 -25.85
C SER G 169 4.72 20.65 -26.02
N ALA G 170 5.07 21.31 -24.93
CA ALA G 170 6.04 22.41 -24.97
C ALA G 170 7.41 21.91 -25.44
N GLU G 171 7.87 20.79 -24.88
CA GLU G 171 9.17 20.21 -25.26
C GLU G 171 9.15 19.77 -26.72
N MET G 172 8.14 19.01 -27.09
CA MET G 172 8.06 18.44 -28.43
C MET G 172 7.94 19.53 -29.51
N GLN G 173 7.08 20.51 -29.27
CA GLN G 173 6.90 21.61 -30.20
C GLN G 173 8.21 22.41 -30.37
N ALA G 174 8.92 22.64 -29.27
CA ALA G 174 10.21 23.33 -29.33
C ALA G 174 11.18 22.55 -30.23
N ARG G 175 11.22 21.24 -30.05
CA ARG G 175 12.16 20.40 -30.78
C ARG G 175 11.82 20.28 -32.27
N LEU G 176 10.53 20.17 -32.59
CA LEU G 176 10.11 20.06 -33.98
C LEU G 176 10.28 21.38 -34.75
N ALA G 177 9.97 22.49 -34.08
CA ALA G 177 10.14 23.82 -34.68
C ALA G 177 11.61 24.08 -35.04
N GLU G 178 12.51 23.67 -34.16
CA GLU G 178 13.94 23.83 -34.39
C GLU G 178 14.42 22.97 -35.57
N ALA G 179 13.85 21.78 -35.72
CA ALA G 179 14.29 20.81 -36.73
C ALA G 179 13.68 21.03 -38.12
N ILE G 180 12.45 21.54 -38.15
CA ILE G 180 11.69 21.69 -39.39
C ILE G 180 11.23 23.14 -39.54
N ASP G 181 11.52 23.73 -40.70
CA ASP G 181 11.23 25.15 -40.96
C ASP G 181 9.74 25.47 -40.89
N GLU G 182 8.91 24.63 -41.50
CA GLU G 182 7.46 24.87 -41.58
C GLU G 182 6.76 24.86 -40.21
N ILE G 183 7.36 24.18 -39.23
CA ILE G 183 6.74 24.02 -37.91
C ILE G 183 6.97 25.26 -37.05
N PRO G 184 5.88 25.94 -36.65
CA PRO G 184 6.05 27.21 -35.93
C PRO G 184 6.49 27.01 -34.48
N ALA G 185 7.04 28.08 -33.91
CA ALA G 185 7.45 28.10 -32.51
C ALA G 185 6.22 27.92 -31.61
N PRO G 186 6.41 27.34 -30.41
CA PRO G 186 5.29 27.11 -29.50
C PRO G 186 4.63 28.40 -29.03
N LEU G 187 3.36 28.30 -28.65
CA LEU G 187 2.60 29.46 -28.19
C LEU G 187 3.22 30.01 -26.90
N PRO G 188 3.47 31.33 -26.85
CA PRO G 188 4.18 31.91 -25.70
C PRO G 188 3.35 31.88 -24.42
N ASP G 189 4.03 31.71 -23.28
CA ASP G 189 3.39 31.60 -21.97
C ASP G 189 2.38 30.45 -21.94
N SER G 193 -5.62 29.83 -24.81
CA SER G 193 -6.14 28.95 -25.83
C SER G 193 -6.75 27.68 -25.21
N PRO G 194 -7.99 27.79 -24.66
CA PRO G 194 -8.67 26.70 -23.97
C PRO G 194 -8.79 25.37 -24.73
N THR G 195 -8.92 25.42 -26.05
CA THR G 195 -9.08 24.19 -26.84
C THR G 195 -7.79 23.38 -26.95
N LEU G 196 -6.64 24.05 -26.81
CA LEU G 196 -5.34 23.38 -26.88
C LEU G 196 -4.83 22.91 -25.52
N LYS G 197 -5.55 23.25 -24.44
CA LYS G 197 -5.11 22.88 -23.09
C LYS G 197 -5.20 21.36 -22.86
N ARG G 198 -4.09 20.78 -22.42
CA ARG G 198 -4.00 19.35 -22.14
C ARG G 198 -3.42 19.13 -20.74
N SER G 199 -4.14 19.62 -19.74
CA SER G 199 -3.81 19.35 -18.35
C SER G 199 -4.45 18.02 -17.95
N ALA G 200 -4.28 17.62 -16.69
CA ALA G 200 -4.94 16.43 -16.18
C ALA G 200 -6.47 16.51 -16.31
N ASP G 201 -7.02 17.73 -16.20
CA ASP G 201 -8.46 17.95 -16.32
C ASP G 201 -9.04 17.66 -17.71
N HIS G 202 -8.22 17.75 -18.75
CA HIS G 202 -8.63 17.40 -20.12
C HIS G 202 -9.22 15.99 -20.14
N LEU G 203 -8.42 15.04 -19.69
CA LEU G 203 -8.79 13.62 -19.73
C LEU G 203 -9.92 13.34 -18.75
N ARG G 204 -9.81 13.90 -17.53
CA ARG G 204 -10.86 13.73 -16.53
C ARG G 204 -12.24 14.10 -17.06
N ASP G 205 -12.35 15.32 -17.61
CA ASP G 205 -13.61 15.83 -18.15
C ASP G 205 -14.10 15.06 -19.37
N GLY G 206 -13.16 14.50 -20.14
CA GLY G 206 -13.48 13.72 -21.32
C GLY G 206 -14.27 12.46 -21.03
N PHE G 207 -13.88 11.75 -19.96
CA PHE G 207 -14.50 10.48 -19.60
C PHE G 207 -15.41 10.67 -18.39
N ALA G 208 -16.67 11.02 -18.65
CA ALA G 208 -17.66 11.25 -17.60
C ALA G 208 -18.80 10.23 -17.71
N GLU G 209 -19.69 10.41 -18.69
CA GLU G 209 -20.84 9.54 -18.85
C GLU G 209 -20.44 8.08 -19.05
N GLY G 210 -20.68 7.26 -18.04
CA GLY G 210 -20.46 5.81 -18.12
C GLY G 210 -19.07 5.32 -17.78
N TRP G 211 -18.26 6.18 -17.16
CA TRP G 211 -16.91 5.84 -16.74
C TRP G 211 -16.67 6.22 -15.29
N THR G 212 -15.62 5.64 -14.71
CA THR G 212 -15.07 6.09 -13.45
C THR G 212 -13.57 6.23 -13.66
N ILE G 213 -13.01 7.35 -13.20
CA ILE G 213 -11.57 7.57 -13.27
C ILE G 213 -10.90 6.76 -12.15
N GLU G 214 -10.14 5.75 -12.54
CA GLU G 214 -9.34 4.98 -11.58
C GLU G 214 -8.04 5.69 -11.24
N SER G 215 -7.39 6.28 -12.23
CA SER G 215 -6.15 7.04 -12.02
C SER G 215 -5.82 7.95 -13.20
N ILE G 216 -5.12 9.05 -12.91
CA ILE G 216 -4.48 9.90 -13.91
C ILE G 216 -3.07 10.21 -13.38
N ASP G 217 -2.06 9.52 -13.92
CA ASP G 217 -0.69 9.65 -13.44
C ASP G 217 0.21 10.36 -14.44
N GLU G 218 1.26 11.00 -13.95
CA GLU G 218 2.34 11.49 -14.81
C GLU G 218 3.05 10.29 -15.41
N SER G 219 3.38 10.40 -16.70
CA SER G 219 4.01 9.31 -17.44
C SER G 219 4.92 9.91 -18.52
N LEU G 220 5.35 9.08 -19.47
CA LEU G 220 6.17 9.55 -20.58
C LEU G 220 5.60 9.06 -21.89
N MET G 221 5.74 9.88 -22.93
CA MET G 221 5.39 9.51 -24.29
C MET G 221 6.62 9.62 -25.19
N ARG G 222 6.93 8.53 -25.89
CA ARG G 222 8.08 8.51 -26.78
C ARG G 222 7.73 9.04 -28.17
N GLY G 223 8.55 9.96 -28.66
CA GLY G 223 8.43 10.50 -30.00
C GLY G 223 9.76 10.44 -30.73
N VAL G 224 9.77 10.96 -31.94
CA VAL G 224 10.94 10.89 -32.79
C VAL G 224 11.07 12.19 -33.59
N ILE G 225 12.30 12.68 -33.70
CA ILE G 225 12.60 13.90 -34.44
C ILE G 225 12.76 13.50 -35.91
N PRO G 226 11.90 14.02 -36.80
CA PRO G 226 11.90 13.50 -38.17
C PRO G 226 13.24 13.56 -38.92
N THR G 227 14.05 14.58 -38.66
CA THR G 227 15.28 14.85 -39.44
C THR G 227 16.49 14.01 -39.05
N THR G 228 16.51 13.55 -37.80
CA THR G 228 17.62 12.76 -37.26
C THR G 228 17.21 11.37 -36.78
N SER G 229 15.90 11.12 -36.74
CA SER G 229 15.30 9.97 -36.05
C SER G 229 15.73 9.83 -34.58
N GLU G 230 16.14 10.94 -33.96
CA GLU G 230 16.45 10.93 -32.55
C GLU G 230 15.16 10.64 -31.78
N LEU G 231 15.21 9.65 -30.91
CA LEU G 231 14.08 9.35 -30.02
C LEU G 231 14.15 10.21 -28.76
N LEU G 232 13.01 10.73 -28.36
CA LEU G 232 12.89 11.41 -27.07
C LEU G 232 11.61 11.02 -26.32
N ASP G 233 11.67 11.14 -25.00
CA ASP G 233 10.54 10.86 -24.13
C ASP G 233 10.07 12.19 -23.54
N VAL G 234 8.79 12.51 -23.74
CA VAL G 234 8.22 13.76 -23.23
C VAL G 234 7.14 13.48 -22.21
N HIS G 235 6.84 14.50 -21.40
CA HIS G 235 5.90 14.36 -20.32
C HIS G 235 4.48 14.08 -20.83
N ALA G 236 3.78 13.18 -20.16
CA ALA G 236 2.45 12.76 -20.61
C ALA G 236 1.58 12.35 -19.44
N TRP G 237 0.27 12.36 -19.69
CA TRP G 237 -0.69 11.82 -18.73
C TRP G 237 -1.03 10.41 -19.15
N LEU G 238 -1.13 9.52 -18.16
CA LEU G 238 -1.63 8.19 -18.37
C LEU G 238 -2.89 8.04 -17.57
N GLY G 239 -4.04 7.96 -18.24
CA GLY G 239 -5.32 7.77 -17.59
C GLY G 239 -5.78 6.33 -17.62
N ARG G 240 -6.50 5.90 -16.59
CA ARG G 240 -7.08 4.55 -16.51
C ARG G 240 -8.54 4.75 -16.17
N PHE G 241 -9.43 4.23 -17.01
CA PHE G 241 -10.86 4.49 -16.91
C PHE G 241 -11.67 3.20 -16.89
N ARG G 242 -12.53 3.06 -15.88
CA ARG G 242 -13.38 1.89 -15.74
C ARG G 242 -14.70 2.09 -16.47
N ARG G 243 -14.96 1.27 -17.49
CA ARG G 243 -16.25 1.28 -18.18
C ARG G 243 -17.30 0.68 -17.26
N ASP G 244 -18.47 1.33 -17.18
CA ASP G 244 -19.51 0.91 -16.25
C ASP G 244 -20.18 -0.40 -16.67
N TRP G 245 -21.12 -0.88 -15.88
CA TRP G 245 -21.80 -2.14 -16.18
C TRP G 245 -23.22 -1.97 -16.72
N ASN G 246 -23.46 -0.87 -17.43
CA ASN G 246 -24.77 -0.58 -18.02
C ASN G 246 -24.93 -1.28 -19.37
N SER G 247 -25.16 -2.59 -19.33
CA SER G 247 -25.33 -3.41 -20.52
C SER G 247 -26.49 -4.40 -20.35
N SER G 248 -27.17 -4.70 -21.44
CA SER G 248 -28.30 -5.65 -21.46
C SER G 248 -27.92 -7.02 -20.90
N SER G 249 -26.69 -7.46 -21.19
CA SER G 249 -26.20 -8.74 -20.68
C SER G 249 -26.15 -8.76 -19.15
N VAL G 250 -25.76 -7.63 -18.56
CA VAL G 250 -25.68 -7.49 -17.11
C VAL G 250 -27.08 -7.39 -16.49
N ASP G 251 -27.98 -6.69 -17.18
CA ASP G 251 -29.37 -6.57 -16.74
C ASP G 251 -30.05 -7.94 -16.71
N LYS G 252 -29.73 -8.78 -17.68
CA LYS G 252 -30.28 -10.14 -17.74
C LYS G 252 -29.86 -10.97 -16.52
N LEU G 253 -28.58 -10.92 -16.18
CA LEU G 253 -28.07 -11.59 -14.98
C LEU G 253 -28.74 -11.09 -13.71
N ALA G 254 -28.89 -9.78 -13.60
CA ALA G 254 -29.55 -9.16 -12.45
C ALA G 254 -31.01 -9.58 -12.37
N ALA G 255 -31.68 -9.57 -13.51
CA ALA G 255 -33.07 -9.99 -13.59
C ALA G 255 -33.21 -11.46 -13.18
N ALA G 256 -32.25 -12.29 -13.58
CA ALA G 256 -32.25 -13.69 -13.16
C ALA G 256 -32.12 -13.83 -11.64
N LEU G 257 -31.30 -13.01 -11.02
CA LEU G 257 -31.10 -13.03 -9.56
C LEU G 257 -32.26 -12.44 -8.75
N GLU G 258 -33.10 -11.64 -9.40
CA GLU G 258 -34.32 -11.11 -8.78
C GLU G 258 -35.38 -12.21 -8.64
N HIS G 259 -35.17 -13.33 -9.30
CA HIS G 259 -35.95 -14.55 -9.10
C HIS G 259 -37.44 -14.31 -9.33
N HIS G 260 -37.77 -13.66 -10.43
CA HIS G 260 -39.15 -13.33 -10.75
C HIS G 260 -39.95 -14.60 -11.01
N HIS G 261 -41.11 -14.73 -10.35
CA HIS G 261 -41.92 -15.95 -10.42
C HIS G 261 -42.79 -15.97 -11.67
N DSN H 1 1.32 21.26 -34.85
CA DSN H 1 2.39 20.42 -34.34
C DSN H 1 1.84 19.08 -33.91
O DSN H 1 0.74 18.75 -34.33
CB DSN H 1 3.41 20.15 -35.43
OG DSN H 1 2.85 19.26 -36.38
N ALA H 2 2.60 18.30 -33.15
CA ALA H 2 2.28 16.91 -32.84
C ALA H 2 1.79 16.69 -31.43
N N2C H 3 0.51 16.39 -31.11
CA N2C H 3 -0.65 16.46 -32.03
CB N2C H 3 -1.02 15.02 -32.48
SG N2C H 3 0.40 13.97 -32.58
CD N2C H 3 -0.27 12.43 -33.11
CN N2C H 3 0.21 15.95 -29.75
C N2C H 3 -1.86 17.06 -31.36
O N2C H 3 -2.83 16.35 -31.13
N MVA H 4 -1.84 18.34 -30.98
CN MVA H 4 -0.86 19.32 -31.48
CA MVA H 4 -2.92 18.78 -30.08
CB MVA H 4 -2.38 19.73 -29.00
CG1 MVA H 4 -3.49 20.23 -28.08
CG2 MVA H 4 -1.26 19.08 -28.18
C MVA H 4 -4.04 19.36 -30.89
O MVA H 4 -5.15 18.88 -30.83
N DSN H 5 -3.12 22.39 -33.78
CA DSN H 5 -4.08 21.32 -33.98
C DSN H 5 -3.39 20.08 -34.48
O DSN H 5 -2.18 19.99 -34.41
CB DSN H 5 -4.77 20.98 -32.67
OG DSN H 5 -3.80 20.52 -31.73
N ALA H 6 -4.22 19.11 -34.89
CA ALA H 6 -3.81 17.73 -35.11
C ALA H 6 -3.40 17.44 -36.52
N NCY H 7 -2.30 16.74 -36.85
CA NCY H 7 -1.06 16.78 -36.06
CB NCY H 7 -0.79 15.43 -35.36
SG NCY H 7 -1.90 15.06 -34.03
CN NCY H 7 -2.26 15.92 -38.07
C NCY H 7 0.13 17.10 -36.94
O NCY H 7 1.02 16.25 -37.01
N MVA H 8 0.18 18.28 -37.59
CN MVA H 8 -0.88 19.28 -37.58
CA MVA H 8 1.41 18.62 -38.34
CB MVA H 8 1.12 19.01 -39.79
CG1 MVA H 8 2.41 19.21 -40.59
CG2 MVA H 8 0.21 17.99 -40.47
C MVA H 8 2.16 19.68 -37.57
O MVA H 8 2.17 20.86 -37.90
N SAH I . -12.34 -13.43 -3.95
CA SAH I . -11.06 -13.03 -4.63
CB SAH I . -9.94 -14.04 -4.36
CG SAH I . -10.37 -15.49 -4.60
SD SAH I . -8.98 -16.59 -4.50
C SAH I . -11.32 -12.95 -6.10
O SAH I . -12.42 -13.30 -6.52
OXT SAH I . -10.46 -12.53 -6.89
C5' SAH I . -9.18 -17.23 -2.87
C4' SAH I . -8.70 -16.24 -1.81
O4' SAH I . -8.97 -16.78 -0.52
C3' SAH I . -7.20 -15.95 -1.86
O3' SAH I . -6.96 -14.54 -1.95
C2' SAH I . -6.66 -16.51 -0.54
O2' SAH I . -5.56 -15.75 0.00
C1' SAH I . -7.89 -16.45 0.34
N9 SAH I . -7.92 -17.40 1.48
C8 SAH I . -7.59 -18.70 1.45
N7 SAH I . -7.77 -19.25 2.67
C5 SAH I . -8.24 -18.28 3.49
C6 SAH I . -8.65 -18.20 4.91
N6 SAH I . -8.58 -19.29 5.71
N1 SAH I . -9.07 -16.99 5.36
C2 SAH I . -9.15 -15.90 4.56
N3 SAH I . -8.80 -15.92 3.26
C4 SAH I . -8.34 -17.06 2.69
C1 PGE J . -8.37 -13.85 12.44
O1 PGE J . -9.32 -14.26 11.46
C2 PGE J . -9.07 -13.04 13.53
O2 PGE J . -8.49 -11.75 13.64
C3 PGE J . -9.04 -10.81 12.72
C4 PGE J . -7.95 -9.88 12.20
O3 PGE J . -8.52 -9.05 11.19
NA NA K . -0.30 -29.07 -18.49
NA NA L . 0.62 -11.24 -18.24
N1 QUI M . -3.53 -28.60 -7.30
C2 QUI M . -3.83 -29.18 -8.49
C3 QUI M . -3.46 -30.51 -8.76
N4 QUI M . -2.81 -31.24 -7.84
C5 QUI M . -1.81 -31.43 -5.66
C6 QUI M . -1.50 -30.84 -4.45
C7 QUI M . -1.87 -29.51 -4.17
C8 QUI M . -2.55 -28.74 -5.12
C9 QUI M . -2.87 -29.30 -6.35
C10 QUI M . -2.49 -30.70 -6.64
C QUI M . -4.56 -28.36 -9.51
O1 QUI M . -4.57 -28.70 -10.69
N1 QUI N . -7.16 -30.13 -7.34
C2 QUI N . -6.37 -30.88 -6.53
C3 QUI N . -5.88 -32.12 -6.94
N4 QUI N . -6.17 -32.61 -8.15
C5 QUI N . -7.31 -32.37 -10.26
C6 QUI N . -8.13 -31.61 -11.09
C7 QUI N . -8.62 -30.36 -10.68
C8 QUI N . -8.30 -29.85 -9.42
C9 QUI N . -7.49 -30.59 -8.56
C10 QUI N . -6.96 -31.91 -9.00
C QUI N . -6.01 -30.34 -5.18
O1 QUI N . -5.64 -31.08 -4.28
N SAH O . 20.90 -3.11 15.70
CA SAH O . 20.85 -1.64 15.39
CB SAH O . 22.12 -1.16 14.67
CG SAH O . 22.54 -1.99 13.47
SD SAH O . 23.84 -1.21 12.54
C SAH O . 19.65 -1.30 14.56
O SAH O . 18.89 -2.19 14.14
OXT SAH O . 19.40 -0.13 14.30
C5' SAH O . 25.23 -2.17 13.07
C4' SAH O . 25.66 -1.78 14.48
O4' SAH O . 26.71 -2.65 14.93
C3' SAH O . 26.23 -0.35 14.57
O3' SAH O . 25.56 0.38 15.59
C2' SAH O . 27.70 -0.55 14.89
O2' SAH O . 28.29 0.50 15.68
C1' SAH O . 27.69 -1.88 15.61
N9 SAH O . 28.95 -2.63 15.61
C8 SAH O . 29.74 -2.87 14.55
N7 SAH O . 30.80 -3.63 14.91
C5 SAH O . 30.70 -3.88 16.22
C6 SAH O . 31.48 -4.62 17.24
N6 SAH O . 32.63 -5.25 16.88
N1 SAH O . 31.01 -4.65 18.51
C2 SAH O . 29.86 -4.02 18.85
N3 SAH O . 29.10 -3.33 17.99
C4 SAH O . 29.46 -3.23 16.68
C ACT P . 27.54 -13.54 7.27
O ACT P . 27.56 -12.55 8.03
OXT ACT P . 26.57 -14.32 7.23
CH3 ACT P . 28.74 -13.81 6.40
N1 QUI Q . 30.93 0.17 1.33
C2 QUI Q . 30.31 0.35 0.15
C3 QUI Q . 31.02 0.50 -1.04
N4 QUI Q . 32.37 0.46 -1.05
C5 QUI Q . 34.43 0.24 0.15
C6 QUI Q . 35.08 0.05 1.37
C7 QUI Q . 34.36 -0.10 2.57
C8 QUI Q . 32.97 -0.06 2.57
C9 QUI Q . 32.28 0.13 1.38
C10 QUI Q . 33.04 0.29 0.12
C QUI Q . 28.82 0.40 0.15
O1 QUI Q . 28.18 0.66 -0.86
N1 QUI R . 30.63 -2.78 -0.91
C2 QUI R . 31.93 -3.05 -0.64
C3 QUI R . 32.88 -3.09 -1.67
N4 QUI R . 32.54 -2.86 -2.94
C5 QUI R . 30.88 -2.35 -4.58
C6 QUI R . 29.55 -2.06 -4.86
C7 QUI R . 28.59 -2.01 -3.85
C8 QUI R . 28.93 -2.25 -2.52
C9 QUI R . 30.24 -2.53 -2.18
C10 QUI R . 31.26 -2.58 -3.26
C QUI R . 32.33 -3.31 0.78
O1 QUI R . 33.42 -3.80 1.03
N SAH S . -3.23 22.09 11.83
CA SAH S . -3.71 23.31 11.11
CB SAH S . -5.16 23.63 11.45
CG SAH S . -5.44 23.67 12.95
SD SAH S . -7.05 24.31 13.28
C SAH S . -2.84 24.49 11.41
O SAH S . -2.00 24.46 12.31
OXT SAH S . -2.99 25.54 10.79
C5' SAH S . -7.95 22.83 13.63
C4' SAH S . -8.30 22.09 12.34
O4' SAH S . -8.91 20.83 12.62
C3' SAH S . -9.29 22.86 11.47
O3' SAH S . -8.78 23.00 10.15
C2' SAH S . -10.54 22.01 11.45
O2' SAH S . -11.26 22.09 10.21
C1' SAH S . -9.98 20.62 11.72
N9 SAH S . -10.94 19.66 12.32
C8 SAH S . -11.77 19.87 13.37
N7 SAH S . -12.47 18.74 13.64
C5 SAH S . -12.07 17.78 12.78
C6 SAH S . -12.39 16.37 12.50
N6 SAH S . -13.30 15.72 13.25
N1 SAH S . -11.72 15.75 11.49
C2 SAH S . -10.80 16.40 10.74
N3 SAH S . -10.46 17.68 10.93
C4 SAH S . -11.04 18.41 11.92
NA NA T . -13.58 41.57 23.07
N1 QUI U . -15.91 29.55 21.88
C2 QUI U . -15.58 30.60 22.68
C3 QUI U . -16.51 31.14 23.56
N4 QUI U . -17.75 30.66 23.65
C5 QUI U . -19.42 29.07 22.93
C6 QUI U . -19.75 28.00 22.10
C7 QUI U . -18.82 27.45 21.22
C8 QUI U . -17.52 27.96 21.13
C9 QUI U . -17.15 29.02 21.93
C10 QUI U . -18.13 29.61 22.87
C QUI U . -14.18 31.14 22.58
O1 QUI U . -13.89 32.16 23.18
N1 QUI V . -14.20 28.46 25.16
C2 QUI V . -15.49 28.04 25.05
C3 QUI V . -16.51 28.68 25.72
N4 QUI V . -16.28 29.75 26.51
C5 QUI V . -14.74 31.31 27.46
C6 QUI V . -13.42 31.75 27.58
C7 QUI V . -12.38 31.11 26.90
C8 QUI V . -12.62 30.01 26.09
C9 QUI V . -13.91 29.53 25.94
C10 QUI V . -15.02 30.21 26.65
C QUI V . -15.80 26.85 24.18
O1 QUI V . -16.70 26.09 24.50
N SAH W . -1.14 5.26 -31.90
CA SAH W . -0.20 5.43 -33.05
CB SAH W . -0.61 6.64 -33.87
CG SAH W . -0.71 7.93 -33.05
SD SAH W . -1.13 9.32 -34.06
C SAH W . 1.21 5.57 -32.55
O SAH W . 1.43 5.75 -31.34
OXT SAH W . 2.17 5.49 -33.33
C5' SAH W . -2.87 9.50 -33.79
C4' SAH W . -3.68 8.57 -34.69
O4' SAH W . -5.07 8.79 -34.47
C3' SAH W . -3.43 8.79 -36.19
O3' SAH W . -2.97 7.60 -36.82
C2' SAH W . -4.78 9.24 -36.72
O2' SAH W . -5.09 8.81 -38.05
C1' SAH W . -5.73 8.62 -35.72
N9 SAH W . -7.05 9.25 -35.69
C8 SAH W . -7.35 10.57 -35.67
N7 SAH W . -8.69 10.75 -35.63
C5 SAH W . -9.27 9.54 -35.63
C6 SAH W . -10.65 9.04 -35.60
N6 SAH W . -11.70 9.90 -35.56
N1 SAH W . -10.81 7.69 -35.62
C2 SAH W . -9.76 6.84 -35.66
N3 SAH W . -8.48 7.24 -35.69
C4 SAH W . -8.18 8.55 -35.67
C8 15P X . -6.08 15.62 -50.34
O4 15P X . -5.02 15.11 -49.52
C9 15P X . -3.85 15.90 -49.61
C10 15P X . -3.93 17.10 -48.67
O5 15P X . -2.90 17.03 -47.70
C11 15P X . -3.33 17.30 -46.36
C12 15P X . -2.13 17.65 -45.50
O6 15P X . -2.00 16.70 -44.43
C13 15P X . -1.67 17.30 -43.19
C26 15P Y . -11.54 -8.87 -34.03
O13 15P Y . -11.07 -9.60 -32.89
C27 15P Y . -9.98 -10.48 -33.19
C28 15P Y . -8.64 -9.79 -32.95
O14 15P Y . -7.56 -10.55 -33.52
C29 15P Y . -7.47 -11.88 -32.99
C30 15P Y . -6.02 -12.37 -33.01
O15 15P Y . -5.97 -13.76 -33.34
C31 15P Y . -4.95 -14.48 -32.63
C32 15P Y . -5.48 -14.92 -31.27
O16 15P Y . -4.40 -14.93 -30.33
C33 15P Y . -4.75 -15.54 -29.08
C34 15P Y . -5.57 -14.57 -28.22
C35 15P Y . -9.41 -12.54 -25.98
C36 15P Y . -10.60 -13.21 -26.66
O18 15P Y . -11.19 -14.19 -25.78
C37 15P Y . -12.33 -13.76 -25.04
C38 15P Y . -11.99 -12.59 -24.12
O2 PGE Z . -3.67 6.96 -31.32
C3 PGE Z . -4.05 6.23 -30.16
C4 PGE Z . -3.62 4.78 -30.21
O3 PGE Z . -2.25 4.68 -29.85
N1 QUI AA . -0.78 22.49 -36.21
C2 QUI AA . 0.33 23.21 -35.90
C3 QUI AA . 0.38 24.59 -36.16
N4 QUI AA . -0.65 25.24 -36.73
C5 QUI AA . -2.87 25.19 -37.66
C6 QUI AA . -4.00 24.43 -37.99
C7 QUI AA . -4.07 23.06 -37.73
C8 QUI AA . -2.99 22.40 -37.14
C9 QUI AA . -1.84 23.09 -36.79
C10 QUI AA . -1.77 24.55 -37.06
C QUI AA . 1.50 22.51 -35.27
O1 QUI AA . 2.59 23.08 -35.20
N1 QUI BA . -1.25 24.31 -32.92
C2 QUI BA . -2.42 24.69 -33.49
C3 QUI BA . -2.62 26.01 -33.90
N4 QUI BA . -1.66 26.95 -33.75
C5 QUI BA . 0.54 27.55 -33.03
C6 QUI BA . 1.75 27.16 -32.45
C7 QUI BA . 1.95 25.85 -32.04
C8 QUI BA . 0.96 24.88 -32.19
C9 QUI BA . -0.26 25.22 -32.75
C10 QUI BA . -0.49 26.62 -33.20
C QUI BA . -3.50 23.67 -33.65
O1 QUI BA . -4.67 24.01 -33.68
#